data_5T8Q
#
_entry.id   5T8Q
#
_cell.length_a   143.969
_cell.length_b   143.969
_cell.length_c   46.455
_cell.angle_alpha   90.00
_cell.angle_beta   90.00
_cell.angle_gamma   90.00
#
_symmetry.space_group_name_H-M   'P 43'
#
loop_
_entity.id
_entity.type
_entity.pdbx_description
1 polymer 'Mitogen-activated protein kinase kinase kinase 14'
2 non-polymer 'SULFATE ION'
3 non-polymer 1-[(2-chlorophenyl)methyl]pyrrole-2-carboxamide
4 water water
#
_entity_poly.entity_id   1
_entity_poly.type   'polypeptide(L)'
_entity_poly.pdbx_seq_one_letter_code
;GSALEKVPVEEYLVHALQGSVSSGQAHSLASLAKTWSSGSAKLQRLGPETEDNEGVLLTEKLKPVDYEYREEVHWMTHQP
RVGRGSFGEVHRMKDKQTGFQCAVKKVRLEVFRVEELVACAGLSSPRIVPLYGAVREGPWVNIFMELLEGGSLGQLIKQM
GCLPEDRALYYLGQALEGLEYLHTRRILHGDVKADNVLLSSDGSRAALCDFGHALCLQPDGLGKSLLTGDYIPGTETHMA
PEVVMGKPCDAKVDIWSSCCMMLHMLNGCHPWTQYFRGPLCLKIASEPPPIREIPPSCAPLTAQAIQEGLRKEPVHRASA
MELRRKVGKALQEVGGLKSPWKGEYKEPR
;
_entity_poly.pdbx_strand_id   A,B
#
loop_
_chem_comp.id
_chem_comp.type
_chem_comp.name
_chem_comp.formula
76Y non-polymer 1-[(2-chlorophenyl)methyl]pyrrole-2-carboxamide 'C12 H11 Cl N2 O'
SO4 non-polymer 'SULFATE ION' 'O4 S -2'
#
# COMPACT_ATOMS: atom_id res chain seq x y z
N PRO A 8 -7.63 15.40 -12.76
CA PRO A 8 -8.31 16.59 -12.18
C PRO A 8 -8.33 16.64 -10.62
N VAL A 9 -8.78 15.57 -9.97
CA VAL A 9 -8.60 15.39 -8.53
C VAL A 9 -7.17 14.84 -8.17
N GLU A 10 -6.45 14.27 -9.16
CA GLU A 10 -5.04 13.86 -9.00
C GLU A 10 -4.19 14.75 -8.07
N GLU A 11 -4.29 16.05 -8.29
CA GLU A 11 -3.50 17.07 -7.61
C GLU A 11 -3.79 17.04 -6.12
N TYR A 12 -5.07 16.92 -5.77
CA TYR A 12 -5.53 16.85 -4.37
C TYR A 12 -5.20 15.56 -3.67
N LEU A 13 -5.19 14.45 -4.39
CA LEU A 13 -4.85 13.13 -3.79
C LEU A 13 -3.42 13.07 -3.35
N VAL A 14 -2.56 13.70 -4.14
CA VAL A 14 -1.13 13.80 -3.90
C VAL A 14 -0.89 14.65 -2.67
N HIS A 15 -1.60 15.77 -2.55
CA HIS A 15 -1.45 16.65 -1.40
CA HIS A 15 -1.48 16.67 -1.40
C HIS A 15 -1.90 15.98 -0.11
N ALA A 16 -2.98 15.22 -0.14
CA ALA A 16 -3.43 14.47 1.04
C ALA A 16 -2.38 13.50 1.54
N LEU A 17 -1.60 12.94 0.61
CA LEU A 17 -0.53 12.01 0.96
C LEU A 17 0.75 12.66 1.52
N GLN A 18 1.07 13.89 1.12
CA GLN A 18 2.28 14.56 1.56
C GLN A 18 2.17 14.95 3.01
N GLY A 19 3.30 14.91 3.71
CA GLY A 19 3.42 15.35 5.08
C GLY A 19 2.96 14.36 6.12
N SER A 20 2.53 13.16 5.68
CA SER A 20 2.17 12.07 6.59
C SER A 20 2.71 10.77 6.07
N VAL A 21 2.77 9.82 7.00
CA VAL A 21 2.93 8.44 6.69
C VAL A 21 1.56 7.82 6.96
N SER A 22 1.10 6.96 6.06
CA SER A 22 -0.16 6.28 6.23
C SER A 22 -0.16 4.80 5.83
N SER A 23 -1.03 4.04 6.44
CA SER A 23 -1.42 2.73 5.91
C SER A 23 -2.13 2.99 4.58
N GLY A 24 -1.85 2.18 3.57
CA GLY A 24 -2.42 2.42 2.24
C GLY A 24 -2.01 1.40 1.21
N GLN A 25 -2.32 1.71 -0.05
CA GLN A 25 -2.15 0.78 -1.16
C GLN A 25 -1.03 1.24 -2.08
N ALA A 26 -0.64 0.36 -2.97
CA ALA A 26 0.52 0.58 -3.83
C ALA A 26 0.36 1.79 -4.76
N HIS A 27 -0.84 1.99 -5.31
CA HIS A 27 -1.11 3.14 -6.18
C HIS A 27 -0.89 4.47 -5.50
N SER A 28 -1.14 4.56 -4.19
CA SER A 28 -0.87 5.77 -3.39
C SER A 28 0.62 5.93 -3.08
N LEU A 29 1.31 4.83 -2.80
CA LEU A 29 2.75 4.89 -2.67
C LEU A 29 3.38 5.44 -3.92
N ALA A 30 2.89 5.05 -5.09
CA ALA A 30 3.51 5.44 -6.35
C ALA A 30 3.36 6.92 -6.60
N SER A 31 2.12 7.37 -6.43
CA SER A 31 1.73 8.78 -6.47
C SER A 31 2.63 9.65 -5.63
N LEU A 32 2.79 9.25 -4.38
CA LEU A 32 3.62 9.99 -3.46
C LEU A 32 5.06 10.00 -3.91
N ALA A 33 5.56 8.84 -4.29
CA ALA A 33 6.98 8.65 -4.70
C ALA A 33 7.39 9.49 -5.91
N LYS A 34 6.46 9.69 -6.84
CA LYS A 34 6.66 10.63 -7.95
C LYS A 34 7.04 12.01 -7.50
N THR A 35 6.58 12.46 -6.33
CA THR A 35 7.02 13.76 -5.80
C THR A 35 8.46 13.79 -5.23
N TRP A 36 9.11 12.63 -5.04
CA TRP A 36 10.45 12.55 -4.43
C TRP A 36 11.56 12.84 -5.44
N SER A 37 11.48 14.02 -6.05
CA SER A 37 12.13 14.35 -7.32
C SER A 37 11.87 13.31 -8.40
N ASP A 52 8.85 16.73 5.96
CA ASP A 52 9.99 16.03 6.54
C ASP A 52 9.81 14.51 6.58
N ASN A 53 8.73 14.01 7.22
CA ASN A 53 8.48 12.57 7.39
C ASN A 53 7.14 12.19 6.75
N GLU A 54 7.20 11.49 5.62
CA GLU A 54 6.02 11.10 4.86
C GLU A 54 6.27 9.78 4.15
N GLY A 55 5.21 9.05 3.82
CA GLY A 55 5.30 7.81 3.07
C GLY A 55 4.03 6.99 3.08
N VAL A 56 4.08 5.76 2.58
CA VAL A 56 2.92 4.87 2.59
C VAL A 56 3.42 3.47 2.96
N LEU A 57 2.63 2.77 3.79
CA LEU A 57 2.99 1.47 4.30
C LEU A 57 1.92 0.50 3.85
N LEU A 58 2.33 -0.56 3.15
CA LEU A 58 1.38 -1.44 2.48
C LEU A 58 0.94 -2.64 3.29
N THR A 59 1.50 -2.80 4.48
CA THR A 59 1.12 -3.91 5.36
C THR A 59 0.83 -3.36 6.72
N GLU A 60 -0.21 -3.89 7.34
CA GLU A 60 -0.66 -3.40 8.65
C GLU A 60 0.39 -3.74 9.75
N LYS A 61 1.28 -4.70 9.45
CA LYS A 61 2.48 -5.00 10.22
C LYS A 61 3.50 -3.85 10.35
N LEU A 62 3.57 -2.96 9.37
CA LEU A 62 4.40 -1.74 9.50
C LEU A 62 3.43 -0.58 9.61
N LYS A 63 3.31 -0.03 10.80
CA LYS A 63 2.18 0.82 11.17
C LYS A 63 2.64 2.18 11.64
N PRO A 64 2.12 3.25 11.02
CA PRO A 64 2.43 4.56 11.59
C PRO A 64 1.78 4.83 12.97
N VAL A 65 2.24 5.93 13.56
CA VAL A 65 1.84 6.34 14.89
C VAL A 65 1.74 7.83 14.85
N ASP A 66 0.51 8.32 14.88
CA ASP A 66 0.20 9.76 14.80
C ASP A 66 0.87 10.45 13.64
N TYR A 67 0.63 9.91 12.47
CA TYR A 67 0.99 10.49 11.18
C TYR A 67 2.45 10.33 10.86
N GLU A 68 3.20 9.64 11.72
CA GLU A 68 4.66 9.52 11.61
C GLU A 68 5.17 8.06 11.60
N TYR A 69 6.40 7.91 11.09
CA TYR A 69 7.12 6.60 11.13
C TYR A 69 8.58 6.93 11.03
N ARG A 70 9.27 6.93 12.16
CA ARG A 70 10.59 7.55 12.26
C ARG A 70 11.59 6.51 12.78
N GLU A 71 12.74 6.45 12.12
CA GLU A 71 13.79 5.56 12.53
C GLU A 71 14.25 5.88 13.96
N GLU A 72 14.40 4.79 14.72
CA GLU A 72 14.76 4.77 16.15
C GLU A 72 13.64 5.15 17.13
N VAL A 73 12.44 5.38 16.61
CA VAL A 73 11.28 5.77 17.40
C VAL A 73 10.14 4.76 17.17
N HIS A 74 9.73 4.60 15.91
CA HIS A 74 8.69 3.63 15.55
C HIS A 74 9.23 2.34 14.94
N TRP A 75 10.41 2.41 14.31
CA TRP A 75 11.17 1.23 13.92
C TRP A 75 12.67 1.30 14.27
N MET A 76 13.24 0.13 14.52
CA MET A 76 14.59 -0.02 15.06
C MET A 76 15.35 -0.98 14.16
N THR A 77 16.55 -0.63 13.68
CA THR A 77 17.37 -1.62 12.98
C THR A 77 17.96 -2.58 14.02
N HIS A 78 18.13 -3.86 13.66
CA HIS A 78 18.70 -4.89 14.55
C HIS A 78 20.11 -4.47 14.94
N GLN A 79 20.52 -4.75 16.18
CA GLN A 79 21.85 -4.30 16.63
C GLN A 79 22.75 -5.42 17.11
N PRO A 80 24.07 -5.25 16.97
CA PRO A 80 24.71 -4.05 16.39
C PRO A 80 24.46 -3.91 14.88
N ARG A 81 24.59 -2.69 14.34
CA ARG A 81 24.40 -2.45 12.90
C ARG A 81 25.27 -3.39 12.04
N VAL A 82 24.62 -4.01 11.05
CA VAL A 82 25.29 -4.91 10.10
C VAL A 82 24.62 -4.69 8.74
N GLY A 83 25.43 -4.51 7.70
CA GLY A 83 24.95 -3.94 6.44
C GLY A 83 25.20 -4.89 5.31
N ARG A 84 24.12 -5.25 4.63
CA ARG A 84 24.20 -6.07 3.44
C ARG A 84 23.90 -5.20 2.27
N GLY A 85 24.21 -5.72 1.10
CA GLY A 85 24.13 -4.95 -0.15
C GLY A 85 25.45 -4.29 -0.51
N SER A 86 25.56 -3.82 -1.74
CA SER A 86 26.80 -3.25 -2.25
C SER A 86 27.28 -2.07 -1.46
N PHE A 87 26.36 -1.26 -0.95
CA PHE A 87 26.67 -0.04 -0.19
C PHE A 87 26.38 -0.26 1.31
N GLY A 88 26.14 -1.50 1.72
CA GLY A 88 25.85 -1.80 3.11
C GLY A 88 24.60 -1.11 3.55
N GLU A 89 23.66 -0.99 2.62
CA GLU A 89 22.52 -0.08 2.74
C GLU A 89 21.25 -0.80 3.14
N VAL A 90 21.32 -2.12 3.32
CA VAL A 90 20.17 -2.96 3.62
C VAL A 90 20.31 -3.56 5.02
N HIS A 91 19.30 -3.45 5.85
CA HIS A 91 19.35 -3.91 7.23
C HIS A 91 18.09 -4.65 7.63
N ARG A 92 18.24 -5.59 8.55
CA ARG A 92 17.13 -6.17 9.30
C ARG A 92 16.58 -5.08 10.18
N MET A 93 15.25 -4.95 10.25
CA MET A 93 14.61 -4.00 11.18
C MET A 93 13.37 -4.62 11.82
N LYS A 94 12.83 -3.92 12.80
CA LYS A 94 11.68 -4.32 13.56
C LYS A 94 10.78 -3.08 13.81
N ASP A 95 9.47 -3.26 13.64
CA ASP A 95 8.47 -2.26 14.02
C ASP A 95 8.30 -2.39 15.52
N LYS A 96 8.64 -1.32 16.23
CA LYS A 96 8.57 -1.28 17.68
C LYS A 96 7.22 -1.69 18.30
N GLN A 97 6.08 -1.51 17.61
CA GLN A 97 4.77 -1.79 18.21
C GLN A 97 4.38 -3.20 17.90
N THR A 98 4.45 -3.57 16.62
CA THR A 98 3.93 -4.86 16.13
C THR A 98 4.89 -6.02 16.28
N GLY A 99 6.17 -5.73 16.53
CA GLY A 99 7.20 -6.75 16.53
C GLY A 99 7.54 -7.33 15.17
N PHE A 100 6.93 -6.84 14.08
CA PHE A 100 7.18 -7.45 12.78
C PHE A 100 8.60 -7.11 12.32
N GLN A 101 9.29 -8.12 11.80
CA GLN A 101 10.61 -7.97 11.19
C GLN A 101 10.54 -8.00 9.70
N CYS A 102 11.29 -7.11 9.09
CA CYS A 102 11.44 -7.14 7.66
C CYS A 102 12.79 -6.51 7.30
N ALA A 103 13.00 -6.19 6.03
CA ALA A 103 14.23 -5.54 5.59
C ALA A 103 13.98 -4.12 5.13
N VAL A 104 14.91 -3.23 5.42
CA VAL A 104 14.86 -1.88 4.96
C VAL A 104 16.07 -1.64 4.09
N LYS A 105 15.85 -1.06 2.92
CA LYS A 105 16.91 -0.58 2.05
C LYS A 105 16.89 0.94 2.10
N LYS A 106 17.96 1.54 2.61
CA LYS A 106 18.16 3.00 2.50
C LYS A 106 18.64 3.52 1.15
N VAL A 107 17.90 4.49 0.61
CA VAL A 107 18.31 5.19 -0.60
C VAL A 107 18.43 6.63 -0.25
N ARG A 108 19.50 7.25 -0.70
CA ARG A 108 19.69 8.68 -0.50
C ARG A 108 18.72 9.47 -1.36
N LEU A 109 18.04 10.44 -0.74
CA LEU A 109 17.01 11.23 -1.40
C LEU A 109 17.53 11.93 -2.68
N GLU A 110 18.67 12.58 -2.59
CA GLU A 110 19.20 13.30 -3.76
C GLU A 110 19.43 12.44 -5.03
N VAL A 111 19.65 11.14 -4.89
CA VAL A 111 19.86 10.26 -6.05
C VAL A 111 18.73 9.24 -6.23
N PHE A 112 17.61 9.47 -5.55
CA PHE A 112 16.45 8.55 -5.64
C PHE A 112 15.86 8.54 -7.04
N ARG A 113 15.69 7.35 -7.61
CA ARG A 113 15.01 7.20 -8.88
C ARG A 113 13.58 6.78 -8.58
N VAL A 114 12.66 7.63 -9.00
CA VAL A 114 11.23 7.40 -8.91
C VAL A 114 10.81 6.04 -9.44
N GLU A 115 11.49 5.54 -10.49
CA GLU A 115 11.16 4.22 -11.04
C GLU A 115 11.29 3.11 -10.00
N GLU A 116 12.18 3.27 -9.03
CA GLU A 116 12.38 2.22 -8.03
C GLU A 116 11.12 1.88 -7.29
N LEU A 117 10.28 2.87 -7.04
CA LEU A 117 8.99 2.61 -6.38
C LEU A 117 7.82 2.53 -7.37
N VAL A 118 7.87 3.25 -8.49
CA VAL A 118 6.78 3.18 -9.49
C VAL A 118 6.75 1.81 -10.21
N ALA A 119 7.93 1.27 -10.56
CA ALA A 119 8.05 -0.11 -11.08
C ALA A 119 7.49 -1.14 -10.12
N CYS A 120 8.12 -1.38 -8.98
CA CYS A 120 7.62 -2.44 -8.11
C CYS A 120 6.23 -2.20 -7.50
N ALA A 121 5.82 -0.94 -7.30
CA ALA A 121 4.53 -0.69 -6.62
C ALA A 121 3.37 -1.36 -7.35
N GLY A 122 2.74 -2.29 -6.67
CA GLY A 122 1.60 -3.00 -7.21
C GLY A 122 1.96 -4.37 -7.76
N LEU A 123 3.26 -4.62 -8.00
CA LEU A 123 3.71 -5.93 -8.47
C LEU A 123 3.38 -7.02 -7.46
N SER A 124 2.98 -8.18 -7.95
CA SER A 124 2.76 -9.32 -7.11
C SER A 124 3.13 -10.61 -7.84
N SER A 125 4.24 -11.23 -7.41
CA SER A 125 4.79 -12.41 -8.05
C SER A 125 5.74 -13.15 -7.11
N PRO A 126 5.57 -14.48 -6.98
CA PRO A 126 6.50 -15.17 -6.11
C PRO A 126 7.97 -15.16 -6.54
N ARG A 127 8.28 -14.71 -7.77
CA ARG A 127 9.69 -14.49 -8.22
C ARG A 127 10.20 -13.07 -8.00
N ILE A 128 9.43 -12.25 -7.30
CA ILE A 128 9.83 -10.87 -7.02
C ILE A 128 9.61 -10.62 -5.54
N VAL A 129 10.57 -9.99 -4.91
CA VAL A 129 10.54 -9.77 -3.48
C VAL A 129 9.49 -8.70 -3.25
N PRO A 130 8.52 -8.96 -2.33
CA PRO A 130 7.44 -8.00 -2.10
C PRO A 130 7.92 -6.71 -1.46
N LEU A 131 7.37 -5.59 -1.91
CA LEU A 131 7.59 -4.27 -1.30
C LEU A 131 6.57 -4.08 -0.18
N TYR A 132 6.99 -3.58 0.98
CA TYR A 132 6.09 -3.42 2.13
C TYR A 132 5.78 -1.99 2.47
N GLY A 133 6.49 -1.06 1.85
CA GLY A 133 6.26 0.36 2.04
C GLY A 133 7.52 1.15 1.77
N ALA A 134 7.43 2.46 1.99
CA ALA A 134 8.49 3.42 1.74
C ALA A 134 8.18 4.63 2.54
N VAL A 135 9.17 5.14 3.24
CA VAL A 135 8.98 6.32 4.05
C VAL A 135 10.19 7.18 3.83
N ARG A 136 9.92 8.44 3.54
CA ARG A 136 10.94 9.46 3.49
C ARG A 136 11.06 10.02 4.90
N GLU A 137 12.30 10.19 5.34
CA GLU A 137 12.65 10.89 6.57
C GLU A 137 13.96 11.65 6.33
N GLY A 138 13.86 12.97 6.15
CA GLY A 138 15.05 13.79 5.88
C GLY A 138 15.75 13.44 4.58
N PRO A 139 17.09 13.30 4.61
CA PRO A 139 17.84 13.00 3.37
C PRO A 139 17.79 11.51 2.94
N TRP A 140 16.99 10.68 3.63
CA TRP A 140 16.78 9.26 3.32
C TRP A 140 15.41 8.94 2.74
N VAL A 141 15.36 8.04 1.77
CA VAL A 141 14.17 7.26 1.45
C VAL A 141 14.41 5.86 2.00
N ASN A 142 13.49 5.35 2.80
CA ASN A 142 13.64 4.07 3.49
C ASN A 142 12.64 3.12 2.85
N ILE A 143 13.12 2.16 2.08
CA ILE A 143 12.26 1.26 1.33
C ILE A 143 12.17 -0.03 2.14
N PHE A 144 10.97 -0.46 2.52
CA PHE A 144 10.80 -1.71 3.25
C PHE A 144 10.36 -2.85 2.31
N MET A 145 10.76 -4.09 2.63
CA MET A 145 10.46 -5.27 1.84
C MET A 145 10.54 -6.52 2.67
N GLU A 146 10.06 -7.64 2.12
CA GLU A 146 10.15 -8.92 2.84
C GLU A 146 11.61 -9.23 3.09
N LEU A 147 11.88 -9.86 4.23
CA LEU A 147 13.24 -10.23 4.66
C LEU A 147 13.42 -11.68 4.35
N LEU A 148 14.35 -12.00 3.45
CA LEU A 148 14.56 -13.38 2.98
C LEU A 148 15.84 -13.95 3.53
N GLU A 149 15.73 -14.91 4.45
CA GLU A 149 16.85 -15.32 5.37
C GLU A 149 17.96 -16.16 4.75
N GLY A 150 17.66 -16.82 3.63
CA GLY A 150 18.70 -17.43 2.79
C GLY A 150 19.76 -16.51 2.20
N GLY A 151 19.52 -15.19 2.22
CA GLY A 151 20.50 -14.22 1.73
C GLY A 151 20.55 -14.20 0.21
N SER A 152 21.41 -13.35 -0.34
CA SER A 152 21.55 -13.28 -1.80
C SER A 152 22.34 -14.45 -2.37
N LEU A 153 21.83 -14.99 -3.48
CA LEU A 153 22.59 -15.79 -4.41
C LEU A 153 24.07 -15.39 -4.54
N GLY A 154 24.33 -14.09 -4.59
CA GLY A 154 25.70 -13.59 -4.55
C GLY A 154 26.55 -14.08 -3.37
N GLN A 155 25.94 -14.13 -2.19
CA GLN A 155 26.60 -14.62 -0.97
C GLN A 155 26.58 -16.14 -0.88
N LEU A 156 25.63 -16.80 -1.55
CA LEU A 156 25.74 -18.27 -1.78
C LEU A 156 26.97 -18.66 -2.63
N ILE A 157 27.17 -17.94 -3.74
CA ILE A 157 28.29 -18.19 -4.61
C ILE A 157 29.62 -18.10 -3.84
N LYS A 158 29.83 -17.02 -3.07
CA LYS A 158 31.07 -16.82 -2.31
C LYS A 158 31.27 -17.92 -1.27
N GLN A 159 30.20 -18.24 -0.57
CA GLN A 159 30.20 -19.28 0.43
C GLN A 159 30.49 -20.68 -0.13
N MET A 160 29.84 -21.05 -1.23
CA MET A 160 30.03 -22.37 -1.85
C MET A 160 31.15 -22.45 -2.92
N GLY A 161 31.77 -21.32 -3.26
CA GLY A 161 32.82 -21.26 -4.27
C GLY A 161 32.21 -21.02 -5.63
N CYS A 162 31.55 -22.03 -6.15
CA CYS A 162 30.63 -21.85 -7.28
C CYS A 162 29.54 -22.92 -7.14
N LEU A 163 28.55 -22.96 -8.03
CA LEU A 163 27.40 -23.87 -7.86
C LEU A 163 27.37 -25.00 -8.87
N PRO A 164 26.85 -26.17 -8.47
CA PRO A 164 26.59 -27.25 -9.42
C PRO A 164 25.72 -26.82 -10.60
N GLU A 165 25.90 -27.45 -11.74
CA GLU A 165 25.16 -27.11 -12.94
C GLU A 165 23.65 -27.12 -12.70
N ASP A 166 23.15 -28.12 -11.98
CA ASP A 166 21.70 -28.29 -11.78
C ASP A 166 21.09 -27.14 -10.94
N ARG A 167 21.78 -26.76 -9.87
CA ARG A 167 21.37 -25.65 -9.02
C ARG A 167 21.42 -24.32 -9.81
N ALA A 168 22.47 -24.11 -10.59
CA ALA A 168 22.61 -22.89 -11.38
C ALA A 168 21.50 -22.75 -12.39
N LEU A 169 21.12 -23.86 -13.04
CA LEU A 169 20.00 -23.86 -13.95
C LEU A 169 18.71 -23.58 -13.22
N TYR A 170 18.52 -24.22 -12.08
CA TYR A 170 17.32 -24.06 -11.28
C TYR A 170 17.08 -22.59 -10.91
N TYR A 171 18.16 -21.92 -10.48
CA TYR A 171 18.08 -20.51 -10.10
C TYR A 171 17.96 -19.55 -11.29
N LEU A 172 18.73 -19.76 -12.35
CA LEU A 172 18.58 -18.97 -13.60
C LEU A 172 17.14 -18.98 -14.10
N GLY A 173 16.52 -20.15 -14.03
CA GLY A 173 15.15 -20.32 -14.50
C GLY A 173 14.15 -19.54 -13.70
N GLN A 174 14.41 -19.40 -12.40
CA GLN A 174 13.51 -18.66 -11.52
C GLN A 174 13.71 -17.16 -11.68
N ALA A 175 14.97 -16.75 -11.85
CA ALA A 175 15.28 -15.38 -12.26
C ALA A 175 14.53 -15.10 -13.55
N LEU A 176 14.67 -15.97 -14.56
CA LEU A 176 13.97 -15.78 -15.83
C LEU A 176 12.45 -15.72 -15.72
N GLU A 177 11.88 -16.41 -14.74
CA GLU A 177 10.44 -16.33 -14.51
C GLU A 177 9.99 -14.97 -13.98
N GLY A 178 10.71 -14.43 -13.00
CA GLY A 178 10.59 -13.06 -12.59
C GLY A 178 10.72 -12.02 -13.73
N LEU A 179 11.68 -12.24 -14.62
CA LEU A 179 11.85 -11.40 -15.79
C LEU A 179 10.69 -11.49 -16.80
N GLU A 180 10.08 -12.67 -16.97
CA GLU A 180 8.88 -12.80 -17.87
C GLU A 180 7.78 -11.85 -17.40
N TYR A 181 7.49 -11.95 -16.11
CA TYR A 181 6.57 -11.11 -15.39
C TYR A 181 6.92 -9.59 -15.51
N LEU A 182 8.17 -9.18 -15.31
CA LEU A 182 8.55 -7.75 -15.50
C LEU A 182 8.46 -7.34 -16.97
N HIS A 183 9.00 -8.15 -17.88
CA HIS A 183 9.01 -7.83 -19.29
C HIS A 183 7.61 -7.77 -19.89
N THR A 184 6.72 -8.67 -19.49
CA THR A 184 5.29 -8.62 -19.95
C THR A 184 4.63 -7.26 -19.61
N ARG A 185 5.00 -6.68 -18.47
CA ARG A 185 4.49 -5.37 -18.05
C ARG A 185 5.41 -4.22 -18.45
N ARG A 186 6.28 -4.42 -19.46
CA ARG A 186 7.17 -3.36 -19.96
C ARG A 186 8.09 -2.75 -18.88
N ILE A 187 8.55 -3.59 -17.95
CA ILE A 187 9.54 -3.18 -16.94
C ILE A 187 10.86 -3.90 -17.14
N LEU A 188 11.94 -3.12 -17.18
CA LEU A 188 13.31 -3.59 -17.28
C LEU A 188 13.87 -3.55 -15.89
N HIS A 189 14.47 -4.65 -15.41
CA HIS A 189 15.09 -4.69 -14.08
C HIS A 189 16.31 -3.80 -13.95
N GLY A 190 17.26 -3.96 -14.88
CA GLY A 190 18.37 -3.02 -15.05
C GLY A 190 19.73 -3.40 -14.49
N ASP A 191 19.75 -4.43 -13.65
CA ASP A 191 20.95 -4.86 -12.95
C ASP A 191 20.74 -6.26 -12.41
N VAL A 192 20.46 -7.18 -13.32
CA VAL A 192 20.25 -8.57 -12.94
C VAL A 192 21.59 -9.19 -12.62
N LYS A 193 21.68 -9.81 -11.44
CA LYS A 193 22.93 -10.43 -10.99
C LYS A 193 22.73 -11.17 -9.68
N ALA A 194 23.62 -12.07 -9.33
CA ALA A 194 23.40 -12.90 -8.14
C ALA A 194 23.03 -12.06 -6.91
N ASP A 195 23.76 -10.95 -6.71
CA ASP A 195 23.51 -10.05 -5.54
C ASP A 195 22.02 -9.59 -5.43
N ASN A 196 21.27 -9.56 -6.56
CA ASN A 196 19.85 -9.13 -6.60
C ASN A 196 18.83 -10.23 -6.76
N VAL A 197 19.26 -11.46 -6.59
CA VAL A 197 18.36 -12.58 -6.46
C VAL A 197 18.50 -13.00 -5.02
N LEU A 198 17.39 -13.16 -4.33
CA LEU A 198 17.42 -13.52 -2.94
C LEU A 198 16.70 -14.81 -2.71
N LEU A 199 17.17 -15.53 -1.72
CA LEU A 199 16.80 -16.93 -1.54
C LEU A 199 16.02 -17.08 -0.25
N SER A 200 14.93 -17.86 -0.33
CA SER A 200 14.18 -18.29 0.84
C SER A 200 15.08 -19.10 1.78
N SER A 201 14.60 -19.39 2.98
CA SER A 201 15.50 -19.89 4.01
C SER A 201 16.03 -21.29 3.69
N ASP A 202 15.19 -22.20 3.16
CA ASP A 202 15.67 -23.55 2.71
C ASP A 202 16.38 -23.58 1.33
N GLY A 203 16.31 -22.48 0.61
CA GLY A 203 17.01 -22.33 -0.67
C GLY A 203 16.23 -22.65 -1.91
N SER A 204 14.99 -23.12 -1.79
CA SER A 204 14.21 -23.57 -2.96
C SER A 204 13.51 -22.46 -3.78
N ARG A 205 13.47 -21.23 -3.26
CA ARG A 205 12.80 -20.11 -3.90
C ARG A 205 13.78 -19.01 -4.07
N ALA A 206 13.77 -18.44 -5.26
CA ALA A 206 14.59 -17.32 -5.62
C ALA A 206 13.67 -16.21 -6.12
N ALA A 207 14.13 -14.99 -6.02
CA ALA A 207 13.28 -13.85 -6.26
C ALA A 207 14.10 -12.62 -6.50
N LEU A 208 13.71 -11.84 -7.48
CA LEU A 208 14.43 -10.66 -7.89
C LEU A 208 14.17 -9.50 -6.94
N CYS A 209 15.22 -8.77 -6.62
CA CYS A 209 15.20 -7.72 -5.62
C CYS A 209 15.83 -6.52 -6.28
N ASP A 210 15.56 -5.34 -5.71
CA ASP A 210 16.23 -4.10 -6.03
C ASP A 210 15.83 -3.51 -7.38
N PHE A 211 14.86 -2.61 -7.34
CA PHE A 211 14.43 -1.96 -8.56
C PHE A 211 15.12 -0.60 -8.79
N GLY A 212 16.22 -0.38 -8.08
CA GLY A 212 17.06 0.81 -8.22
C GLY A 212 17.56 1.20 -9.59
N HIS A 213 17.72 0.22 -10.48
CA HIS A 213 18.10 0.48 -11.87
C HIS A 213 16.93 0.28 -12.84
N ALA A 214 15.71 0.11 -12.32
CA ALA A 214 14.57 -0.36 -13.13
C ALA A 214 14.13 0.73 -14.09
N LEU A 215 13.30 0.35 -15.05
CA LEU A 215 12.96 1.23 -16.16
C LEU A 215 11.63 0.84 -16.82
N CYS A 216 10.79 1.82 -17.17
CA CYS A 216 9.51 1.54 -17.89
C CYS A 216 9.80 1.64 -19.36
N LEU A 217 9.32 0.65 -20.14
CA LEU A 217 9.83 0.36 -21.49
C LEU A 217 8.93 0.78 -22.66
N GLN A 218 9.44 0.55 -23.88
CA GLN A 218 8.71 0.68 -25.15
C GLN A 218 9.04 -0.56 -26.07
N PRO A 219 8.08 -1.01 -26.94
CA PRO A 219 8.33 -2.29 -27.66
C PRO A 219 9.28 -2.19 -28.87
N SER A 225 17.72 3.62 -26.34
CA SER A 225 18.72 4.68 -26.29
C SER A 225 19.53 4.56 -25.00
N LEU A 226 18.85 4.76 -23.85
CA LEU A 226 19.36 4.42 -22.47
C LEU A 226 20.34 5.37 -21.78
N LEU A 227 21.38 5.84 -22.48
CA LEU A 227 22.39 6.75 -21.91
C LEU A 227 21.92 8.23 -21.91
N THR A 228 20.96 8.52 -21.02
CA THR A 228 20.40 9.88 -20.85
C THR A 228 19.58 9.97 -19.54
N GLY A 229 19.42 11.19 -19.03
CA GLY A 229 18.48 11.48 -17.94
C GLY A 229 18.93 11.02 -16.57
N ASP A 230 18.02 10.39 -15.83
CA ASP A 230 18.29 9.96 -14.44
C ASP A 230 19.08 8.65 -14.34
N TYR A 231 19.88 8.34 -15.37
CA TYR A 231 20.39 6.96 -15.59
C TYR A 231 21.47 6.52 -14.61
N ILE A 232 21.20 5.41 -13.91
CA ILE A 232 22.20 4.71 -13.12
C ILE A 232 22.46 3.42 -13.89
N PRO A 233 23.71 3.20 -14.35
CA PRO A 233 24.03 1.98 -15.08
C PRO A 233 24.16 0.76 -14.18
N GLY A 234 23.92 -0.39 -14.74
CA GLY A 234 24.05 -1.66 -14.02
C GLY A 234 25.50 -2.07 -13.83
N THR A 235 25.70 -3.29 -13.33
CA THR A 235 27.00 -3.85 -13.13
C THR A 235 27.68 -4.01 -14.49
N GLU A 236 28.87 -3.43 -14.62
CA GLU A 236 29.69 -3.40 -15.83
C GLU A 236 29.94 -4.78 -16.42
N THR A 237 30.31 -5.73 -15.56
CA THR A 237 30.66 -7.06 -16.04
C THR A 237 29.47 -7.76 -16.64
N HIS A 238 28.25 -7.38 -16.22
CA HIS A 238 26.99 -7.94 -16.73
C HIS A 238 26.25 -7.06 -17.77
N MET A 239 26.85 -5.92 -18.16
CA MET A 239 26.33 -5.08 -19.28
C MET A 239 26.36 -5.72 -20.67
N ALA A 240 25.23 -5.62 -21.35
CA ALA A 240 25.11 -5.98 -22.76
C ALA A 240 25.74 -4.92 -23.68
N PRO A 241 26.02 -5.28 -24.95
CA PRO A 241 26.73 -4.35 -25.82
C PRO A 241 25.91 -3.16 -26.26
N GLU A 242 24.62 -3.37 -26.49
CA GLU A 242 23.73 -2.27 -26.84
C GLU A 242 23.67 -1.19 -25.71
N VAL A 243 23.80 -1.60 -24.46
CA VAL A 243 23.99 -0.61 -23.40
C VAL A 243 25.30 0.16 -23.61
N VAL A 244 26.38 -0.60 -23.71
CA VAL A 244 27.75 -0.07 -23.72
C VAL A 244 28.06 0.89 -24.88
N MET A 245 27.57 0.56 -26.08
CA MET A 245 27.78 1.35 -27.29
C MET A 245 26.72 2.45 -27.45
N GLY A 246 25.79 2.54 -26.50
CA GLY A 246 24.72 3.53 -26.53
C GLY A 246 23.64 3.33 -27.57
N LYS A 247 23.51 2.10 -28.08
CA LYS A 247 22.49 1.76 -29.09
C LYS A 247 21.11 1.66 -28.43
N PRO A 248 20.04 1.51 -29.23
CA PRO A 248 18.72 1.28 -28.59
C PRO A 248 18.66 -0.02 -27.76
N CYS A 249 18.10 0.11 -26.55
CA CYS A 249 17.96 -0.98 -25.59
C CYS A 249 16.51 -1.33 -25.31
N ASP A 250 16.33 -2.54 -24.78
CA ASP A 250 15.01 -3.14 -24.57
C ASP A 250 15.13 -4.26 -23.50
N ALA A 251 14.02 -4.93 -23.21
CA ALA A 251 13.97 -6.07 -22.27
C ALA A 251 15.10 -7.11 -22.42
N LYS A 252 15.60 -7.26 -23.63
CA LYS A 252 16.72 -8.17 -23.90
C LYS A 252 18.02 -7.91 -23.09
N VAL A 253 18.23 -6.69 -22.59
CA VAL A 253 19.46 -6.38 -21.83
C VAL A 253 19.51 -7.18 -20.50
N ASP A 254 18.35 -7.43 -19.89
CA ASP A 254 18.27 -8.28 -18.71
C ASP A 254 18.70 -9.69 -19.00
N ILE A 255 18.38 -10.17 -20.21
CA ILE A 255 18.65 -11.56 -20.59
C ILE A 255 20.15 -11.78 -20.71
N TRP A 256 20.87 -10.83 -21.31
CA TRP A 256 22.34 -10.91 -21.32
C TRP A 256 22.90 -11.01 -19.90
N SER A 257 22.42 -10.12 -19.05
CA SER A 257 22.85 -10.06 -17.65
C SER A 257 22.60 -11.38 -16.99
N SER A 258 21.38 -11.90 -17.14
CA SER A 258 21.04 -13.16 -16.51
C SER A 258 22.04 -14.28 -16.87
N CYS A 259 22.53 -14.27 -18.12
CA CYS A 259 23.52 -15.26 -18.55
C CYS A 259 24.92 -14.95 -18.06
N CYS A 260 25.23 -13.68 -17.81
CA CYS A 260 26.50 -13.33 -17.14
C CYS A 260 26.46 -13.84 -15.73
N MET A 261 25.30 -13.69 -15.11
CA MET A 261 25.05 -14.24 -13.79
C MET A 261 25.19 -15.75 -13.78
N MET A 262 24.67 -16.41 -14.84
CA MET A 262 24.83 -17.86 -14.97
C MET A 262 26.30 -18.24 -14.94
N LEU A 263 27.11 -17.56 -15.73
CA LEU A 263 28.55 -17.88 -15.80
C LEU A 263 29.23 -17.65 -14.45
N HIS A 264 28.75 -16.64 -13.74
CA HIS A 264 29.20 -16.35 -12.38
C HIS A 264 28.82 -17.51 -11.42
N MET A 265 27.61 -18.03 -11.51
CA MET A 265 27.24 -19.14 -10.65
C MET A 265 28.13 -20.34 -10.94
N LEU A 266 28.40 -20.58 -12.22
CA LEU A 266 29.14 -21.77 -12.64
C LEU A 266 30.60 -21.68 -12.34
N ASN A 267 31.19 -20.53 -12.62
CA ASN A 267 32.64 -20.36 -12.51
C ASN A 267 33.14 -19.84 -11.17
N GLY A 268 32.27 -19.14 -10.44
CA GLY A 268 32.64 -18.49 -9.20
C GLY A 268 33.23 -17.12 -9.43
N CYS A 269 33.24 -16.64 -10.67
CA CYS A 269 33.68 -15.30 -10.96
C CYS A 269 32.82 -14.68 -12.07
N HIS A 270 32.84 -13.37 -12.17
CA HIS A 270 32.09 -12.69 -13.20
C HIS A 270 32.78 -12.89 -14.51
N PRO A 271 32.04 -12.86 -15.62
CA PRO A 271 32.71 -12.87 -16.90
C PRO A 271 33.68 -11.70 -17.05
N TRP A 272 34.61 -11.85 -17.98
CA TRP A 272 35.56 -10.81 -18.37
C TRP A 272 36.73 -10.58 -17.39
N THR A 273 36.52 -10.79 -16.08
CA THR A 273 37.47 -10.39 -15.05
C THR A 273 38.76 -11.16 -15.13
N GLN A 274 38.65 -12.42 -15.50
CA GLN A 274 39.80 -13.28 -15.70
C GLN A 274 40.73 -12.87 -16.85
N TYR A 275 40.19 -12.28 -17.91
CA TYR A 275 40.93 -12.14 -19.18
C TYR A 275 41.36 -10.74 -19.53
N PHE A 276 40.52 -9.77 -19.22
CA PHE A 276 40.79 -8.37 -19.51
C PHE A 276 40.82 -7.62 -18.16
N ARG A 277 41.76 -6.68 -18.03
CA ARG A 277 42.04 -6.00 -16.76
C ARG A 277 41.64 -4.52 -16.73
N GLY A 278 42.01 -3.77 -17.78
CA GLY A 278 41.61 -2.35 -17.94
C GLY A 278 40.12 -2.16 -18.19
N PRO A 279 39.71 -0.96 -18.69
CA PRO A 279 38.28 -0.62 -18.92
C PRO A 279 37.47 -1.72 -19.60
N LEU A 280 36.67 -2.42 -18.80
CA LEU A 280 35.96 -3.64 -19.23
C LEU A 280 34.93 -3.38 -20.31
N CYS A 281 34.22 -2.27 -20.19
CA CYS A 281 33.15 -1.96 -21.13
C CYS A 281 33.64 -1.82 -22.57
N LEU A 282 34.90 -1.47 -22.80
CA LEU A 282 35.46 -1.47 -24.18
C LEU A 282 35.48 -2.87 -24.81
N LYS A 283 35.85 -3.87 -24.02
CA LYS A 283 35.98 -5.24 -24.50
C LYS A 283 34.63 -5.91 -24.72
N ILE A 284 33.61 -5.52 -23.97
CA ILE A 284 32.26 -6.05 -24.20
C ILE A 284 31.74 -5.67 -25.61
N ALA A 285 32.19 -4.52 -26.11
CA ALA A 285 31.77 -3.99 -27.39
C ALA A 285 32.51 -4.65 -28.54
N SER A 286 33.85 -4.68 -28.45
CA SER A 286 34.70 -5.20 -29.53
C SER A 286 34.82 -6.72 -29.55
N GLU A 287 34.95 -7.35 -28.36
CA GLU A 287 35.19 -8.80 -28.28
C GLU A 287 33.95 -9.62 -28.58
N PRO A 288 34.15 -10.89 -29.03
CA PRO A 288 33.00 -11.77 -29.12
C PRO A 288 32.39 -11.99 -27.75
N PRO A 289 31.11 -12.38 -27.72
CA PRO A 289 30.49 -12.57 -26.43
C PRO A 289 31.24 -13.66 -25.68
N PRO A 290 31.14 -13.68 -24.35
CA PRO A 290 32.06 -14.50 -23.59
C PRO A 290 31.65 -15.97 -23.45
N ILE A 291 31.38 -16.62 -24.57
CA ILE A 291 30.92 -18.02 -24.55
C ILE A 291 32.05 -19.02 -24.27
N ARG A 292 33.30 -18.59 -24.38
CA ARG A 292 34.44 -19.41 -23.95
C ARG A 292 34.44 -19.71 -22.45
N GLU A 293 33.78 -18.88 -21.65
CA GLU A 293 33.67 -19.12 -20.23
C GLU A 293 32.61 -20.17 -19.83
N ILE A 294 31.89 -20.74 -20.80
CA ILE A 294 31.00 -21.87 -20.52
C ILE A 294 31.88 -23.06 -20.22
N PRO A 295 31.68 -23.72 -19.05
CA PRO A 295 32.54 -24.86 -18.76
C PRO A 295 32.37 -26.02 -19.74
N PRO A 296 33.45 -26.73 -20.06
CA PRO A 296 33.25 -27.80 -21.02
C PRO A 296 32.47 -29.01 -20.46
N SER A 297 32.42 -29.21 -19.14
CA SER A 297 31.67 -30.32 -18.52
C SER A 297 30.17 -30.06 -18.40
N CYS A 298 29.75 -28.83 -18.73
CA CYS A 298 28.34 -28.50 -18.89
C CYS A 298 27.76 -29.36 -19.99
N ALA A 299 26.54 -29.87 -19.75
CA ALA A 299 25.77 -30.63 -20.75
C ALA A 299 25.46 -29.75 -21.98
N PRO A 300 25.20 -30.37 -23.15
CA PRO A 300 25.05 -29.60 -24.41
C PRO A 300 24.07 -28.44 -24.41
N LEU A 301 22.91 -28.64 -23.78
CA LEU A 301 21.79 -27.71 -23.84
C LEU A 301 21.94 -26.59 -22.85
N THR A 302 22.64 -26.84 -21.76
CA THR A 302 23.09 -25.77 -20.88
C THR A 302 23.96 -24.79 -21.67
N ALA A 303 25.00 -25.31 -22.34
CA ALA A 303 25.89 -24.48 -23.17
C ALA A 303 25.15 -23.68 -24.24
N GLN A 304 24.22 -24.33 -24.91
CA GLN A 304 23.44 -23.72 -25.98
C GLN A 304 22.49 -22.65 -25.43
N ALA A 305 21.85 -22.92 -24.27
CA ALA A 305 20.94 -21.94 -23.67
C ALA A 305 21.65 -20.65 -23.34
N ILE A 306 22.82 -20.78 -22.70
CA ILE A 306 23.64 -19.65 -22.31
C ILE A 306 24.07 -18.84 -23.57
N GLN A 307 24.49 -19.56 -24.63
CA GLN A 307 24.84 -18.94 -25.93
C GLN A 307 23.74 -18.07 -26.57
N GLU A 308 22.49 -18.49 -26.44
CA GLU A 308 21.37 -17.73 -27.03
C GLU A 308 20.97 -16.53 -26.18
N GLY A 309 21.25 -16.59 -24.89
CA GLY A 309 21.10 -15.44 -24.04
C GLY A 309 22.25 -14.44 -24.18
N LEU A 310 23.38 -14.88 -24.74
CA LEU A 310 24.54 -14.03 -25.00
C LEU A 310 24.82 -13.70 -26.46
N ARG A 311 23.78 -13.46 -27.23
CA ARG A 311 23.96 -13.01 -28.59
C ARG A 311 24.13 -11.50 -28.54
N LYS A 312 25.12 -10.96 -29.27
CA LYS A 312 25.44 -9.51 -29.21
C LYS A 312 24.36 -8.53 -29.73
N GLU A 313 23.57 -8.95 -30.73
CA GLU A 313 22.45 -8.11 -31.19
C GLU A 313 21.15 -8.63 -30.58
N PRO A 314 20.40 -7.74 -29.88
CA PRO A 314 19.14 -8.07 -29.20
C PRO A 314 18.13 -8.80 -30.04
N VAL A 315 18.07 -8.50 -31.34
CA VAL A 315 17.14 -9.21 -32.22
C VAL A 315 17.42 -10.70 -32.21
N HIS A 316 18.69 -11.14 -32.20
CA HIS A 316 19.02 -12.60 -32.17
C HIS A 316 19.12 -13.26 -30.75
N ARG A 317 18.95 -12.46 -29.70
CA ARG A 317 19.10 -12.95 -28.35
C ARG A 317 17.76 -13.51 -27.94
N ALA A 318 17.75 -14.54 -27.11
CA ALA A 318 16.49 -15.10 -26.61
C ALA A 318 15.76 -14.10 -25.71
N SER A 319 14.43 -14.11 -25.79
CA SER A 319 13.60 -13.43 -24.79
C SER A 319 13.66 -14.19 -23.50
N ALA A 320 13.06 -13.63 -22.46
CA ALA A 320 12.97 -14.30 -21.16
C ALA A 320 12.19 -15.59 -21.32
N MET A 321 11.08 -15.53 -22.06
CA MET A 321 10.22 -16.70 -22.21
C MET A 321 10.91 -17.84 -22.97
N GLU A 322 11.66 -17.47 -24.00
CA GLU A 322 12.34 -18.46 -24.83
C GLU A 322 13.42 -19.16 -24.03
N LEU A 323 14.18 -18.38 -23.26
CA LEU A 323 15.33 -18.90 -22.53
C LEU A 323 14.89 -19.65 -21.29
N ARG A 324 13.87 -19.13 -20.60
CA ARG A 324 13.33 -19.85 -19.46
C ARG A 324 12.95 -21.26 -19.84
N ARG A 325 12.17 -21.38 -20.92
CA ARG A 325 11.81 -22.69 -21.51
C ARG A 325 13.00 -23.61 -21.80
N LYS A 326 14.00 -23.06 -22.49
CA LYS A 326 15.24 -23.76 -22.81
C LYS A 326 15.96 -24.22 -21.54
N VAL A 327 16.00 -23.35 -20.55
CA VAL A 327 16.69 -23.61 -19.34
C VAL A 327 15.98 -24.71 -18.53
N GLY A 328 14.66 -24.75 -18.59
CA GLY A 328 13.91 -25.69 -17.82
C GLY A 328 14.06 -27.09 -18.37
N LYS A 329 14.19 -27.20 -19.70
CA LYS A 329 14.53 -28.46 -20.32
C LYS A 329 16.01 -28.81 -20.14
N ALA A 330 16.87 -27.80 -20.08
CA ALA A 330 18.26 -28.05 -19.70
C ALA A 330 18.37 -28.71 -18.32
N LEU A 331 17.55 -28.26 -17.38
CA LEU A 331 17.51 -28.84 -16.04
C LEU A 331 17.04 -30.27 -16.08
N GLN A 332 15.95 -30.52 -16.83
CA GLN A 332 15.39 -31.86 -17.05
CA GLN A 332 15.45 -31.88 -16.92
C GLN A 332 16.45 -32.79 -17.63
N GLU A 333 17.22 -32.26 -18.59
CA GLU A 333 18.25 -33.05 -19.33
C GLU A 333 19.43 -33.50 -18.46
N VAL A 334 19.69 -32.82 -17.35
CA VAL A 334 20.66 -33.30 -16.33
C VAL A 334 20.02 -33.98 -15.07
N GLY A 335 18.80 -34.50 -15.23
CA GLY A 335 18.13 -35.28 -14.18
C GLY A 335 17.46 -34.50 -13.08
N GLY A 336 17.26 -33.20 -13.32
CA GLY A 336 16.50 -32.35 -12.42
C GLY A 336 17.34 -31.85 -11.28
N LEU A 337 16.69 -31.28 -10.27
CA LEU A 337 17.42 -30.72 -9.14
C LEU A 337 17.65 -31.81 -8.11
N LYS A 338 18.92 -32.15 -7.89
CA LYS A 338 19.29 -33.21 -6.93
C LYS A 338 20.35 -32.81 -5.88
N SER A 339 21.22 -31.84 -6.15
CA SER A 339 22.26 -31.43 -5.19
C SER A 339 21.66 -30.78 -3.96
N PRO A 340 22.25 -31.01 -2.78
CA PRO A 340 21.84 -30.20 -1.65
C PRO A 340 22.14 -28.71 -1.90
N TRP A 341 21.34 -27.87 -1.24
CA TRP A 341 21.44 -26.41 -1.35
C TRP A 341 22.83 -25.88 -0.87
N LYS A 342 23.24 -26.23 0.35
CA LYS A 342 24.55 -25.85 0.83
C LYS A 342 25.37 -27.13 0.98
N GLY A 343 25.73 -27.67 -0.18
CA GLY A 343 26.53 -28.89 -0.28
C GLY A 343 27.98 -28.65 0.10
N GLU A 344 28.90 -29.13 -0.74
CA GLU A 344 30.32 -28.94 -0.45
C GLU A 344 30.92 -27.89 -1.39
N TYR A 345 32.04 -27.35 -0.92
CA TYR A 345 32.67 -26.20 -1.56
C TYR A 345 33.28 -26.67 -2.89
N LYS A 346 32.89 -26.04 -3.99
CA LYS A 346 33.50 -26.24 -5.30
C LYS A 346 34.55 -25.16 -5.48
N GLU A 347 35.77 -25.53 -5.82
CA GLU A 347 36.84 -24.55 -6.12
C GLU A 347 36.50 -23.76 -7.43
N PRO A 348 36.60 -22.41 -7.41
CA PRO A 348 36.34 -21.65 -8.65
C PRO A 348 37.42 -21.76 -9.74
N ARG A 349 37.28 -20.98 -10.82
CA ARG A 349 38.16 -21.07 -11.98
C ARG A 349 39.52 -20.40 -11.75
N PRO B 8 -26.00 38.46 17.43
CA PRO B 8 -25.27 39.63 18.01
C PRO B 8 -24.31 39.25 19.17
N VAL B 9 -24.89 38.65 20.21
CA VAL B 9 -24.18 38.02 21.34
C VAL B 9 -23.26 36.83 20.91
N GLU B 10 -23.40 36.35 19.68
CA GLU B 10 -22.67 35.18 19.27
C GLU B 10 -21.13 35.30 19.45
N GLU B 11 -20.56 36.48 19.21
CA GLU B 11 -19.13 36.70 19.41
C GLU B 11 -18.74 36.52 20.86
N TYR B 12 -19.62 36.96 21.76
CA TYR B 12 -19.36 36.88 23.22
C TYR B 12 -19.47 35.46 23.72
N LEU B 13 -20.35 34.66 23.13
CA LEU B 13 -20.47 33.26 23.51
C LEU B 13 -19.25 32.47 23.07
N VAL B 14 -18.66 32.87 21.94
CA VAL B 14 -17.48 32.19 21.43
C VAL B 14 -16.26 32.52 22.29
N HIS B 15 -16.12 33.78 22.69
CA HIS B 15 -15.03 34.20 23.60
C HIS B 15 -15.11 33.46 24.94
N ALA B 16 -16.31 33.39 25.54
CA ALA B 16 -16.47 32.62 26.80
C ALA B 16 -15.99 31.18 26.68
N LEU B 17 -16.09 30.59 25.50
CA LEU B 17 -15.62 29.22 25.26
C LEU B 17 -14.09 29.11 25.04
N GLN B 18 -13.48 30.15 24.47
CA GLN B 18 -12.07 30.09 24.15
C GLN B 18 -11.25 30.15 25.40
N GLY B 19 -10.09 29.53 25.36
CA GLY B 19 -9.15 29.52 26.47
C GLY B 19 -9.51 28.59 27.61
N SER B 20 -10.57 27.81 27.52
CA SER B 20 -10.79 26.78 28.55
C SER B 20 -11.44 25.53 28.03
N VAL B 21 -11.31 24.47 28.81
CA VAL B 21 -11.99 23.23 28.49
C VAL B 21 -13.12 23.12 29.46
N SER B 22 -14.33 22.92 28.96
CA SER B 22 -15.53 22.84 29.83
C SER B 22 -16.43 21.66 29.53
N SER B 23 -17.24 21.32 30.52
CA SER B 23 -18.35 20.39 30.35
C SER B 23 -19.40 21.21 29.67
N GLY B 24 -19.97 20.72 28.57
CA GLY B 24 -20.93 21.50 27.80
C GLY B 24 -21.72 20.66 26.85
N GLN B 25 -22.37 21.32 25.89
CA GLN B 25 -23.24 20.61 24.94
C GLN B 25 -22.83 20.89 23.52
N ALA B 26 -23.34 20.05 22.64
CA ALA B 26 -22.96 20.02 21.25
C ALA B 26 -22.86 21.39 20.61
N HIS B 27 -23.91 22.20 20.74
CA HIS B 27 -23.97 23.55 20.14
C HIS B 27 -22.76 24.46 20.46
N SER B 28 -22.29 24.38 21.70
CA SER B 28 -21.10 25.08 22.15
C SER B 28 -19.85 24.52 21.53
N LEU B 29 -19.72 23.20 21.54
CA LEU B 29 -18.60 22.54 20.86
C LEU B 29 -18.49 23.03 19.42
N ALA B 30 -19.63 23.13 18.74
CA ALA B 30 -19.67 23.58 17.36
C ALA B 30 -19.21 25.06 17.21
N SER B 31 -19.74 25.93 18.06
CA SER B 31 -19.28 27.33 18.16
C SER B 31 -17.76 27.47 18.33
N LEU B 32 -17.18 26.63 19.18
CA LEU B 32 -15.76 26.73 19.43
C LEU B 32 -14.95 26.22 18.23
N ALA B 33 -15.39 25.10 17.69
CA ALA B 33 -14.72 24.41 16.60
C ALA B 33 -14.65 25.26 15.34
N LYS B 34 -15.65 26.10 15.12
CA LYS B 34 -15.61 27.03 14.00
C LYS B 34 -14.36 27.90 14.06
N THR B 35 -13.90 28.25 15.27
CA THR B 35 -12.66 29.03 15.42
C THR B 35 -11.35 28.23 15.16
N TRP B 36 -11.41 26.92 14.95
CA TRP B 36 -10.21 26.13 14.76
C TRP B 36 -9.78 25.90 13.33
N SER B 37 -10.30 26.60 12.31
CA SER B 37 -9.79 26.36 10.95
C SER B 37 -8.31 26.74 10.80
N ASP B 52 -4.23 28.32 23.93
CA ASP B 52 -3.52 27.05 24.04
C ASP B 52 -4.43 25.80 24.27
N ASN B 53 -4.94 25.56 25.48
CA ASN B 53 -5.72 24.31 25.79
C ASN B 53 -7.17 24.67 26.05
N GLU B 54 -8.06 24.24 25.14
CA GLU B 54 -9.47 24.63 25.13
C GLU B 54 -10.35 23.57 24.44
N GLY B 55 -11.61 23.52 24.79
CA GLY B 55 -12.51 22.55 24.18
C GLY B 55 -13.84 22.45 24.88
N VAL B 56 -14.65 21.50 24.41
CA VAL B 56 -15.89 21.12 25.07
C VAL B 56 -16.01 19.60 25.19
N LEU B 57 -16.55 19.15 26.31
CA LEU B 57 -16.72 17.73 26.57
C LEU B 57 -18.19 17.41 26.83
N LEU B 58 -18.75 16.48 26.05
CA LEU B 58 -20.19 16.29 26.07
C LEU B 58 -20.68 15.30 27.14
N THR B 59 -19.76 14.69 27.90
CA THR B 59 -20.14 13.68 28.87
C THR B 59 -19.34 13.92 30.15
N GLU B 60 -20.00 13.88 31.31
CA GLU B 60 -19.35 14.08 32.64
C GLU B 60 -18.29 12.99 32.94
N LYS B 61 -18.25 11.94 32.12
CA LYS B 61 -17.21 10.88 32.15
C LYS B 61 -15.84 11.37 31.65
N LEU B 62 -15.83 12.44 30.86
CA LEU B 62 -14.60 13.10 30.47
C LEU B 62 -14.65 14.49 31.06
N LYS B 63 -13.97 14.68 32.19
CA LYS B 63 -14.18 15.85 33.02
C LYS B 63 -12.96 16.75 33.10
N PRO B 64 -13.09 18.04 32.74
CA PRO B 64 -11.94 18.92 32.88
C PRO B 64 -11.55 19.06 34.34
N VAL B 65 -10.35 19.62 34.55
CA VAL B 65 -9.79 19.89 35.87
C VAL B 65 -9.22 21.28 35.80
N ASP B 66 -9.72 22.17 36.64
CA ASP B 66 -9.30 23.57 36.65
C ASP B 66 -9.10 24.13 35.24
N TYR B 67 -10.17 24.14 34.47
CA TYR B 67 -10.16 24.73 33.13
C TYR B 67 -9.33 23.98 32.08
N GLU B 68 -8.71 22.84 32.44
CA GLU B 68 -7.80 22.15 31.51
C GLU B 68 -8.14 20.70 31.28
N TYR B 69 -7.77 20.20 30.11
CA TYR B 69 -7.85 18.76 29.76
C TYR B 69 -6.67 18.47 28.83
N ARG B 70 -5.55 18.02 29.42
CA ARG B 70 -4.26 17.93 28.74
C ARG B 70 -3.88 16.47 28.60
N GLU B 71 -3.19 16.12 27.51
CA GLU B 71 -2.76 14.74 27.31
C GLU B 71 -1.63 14.29 28.30
N GLU B 72 -1.80 13.06 28.78
CA GLU B 72 -0.98 12.47 29.82
C GLU B 72 -0.99 13.18 31.19
N VAL B 73 -1.89 14.15 31.42
CA VAL B 73 -2.09 14.75 32.75
C VAL B 73 -3.48 14.36 33.29
N HIS B 74 -4.50 14.76 32.56
CA HIS B 74 -5.90 14.46 32.87
C HIS B 74 -6.47 13.23 32.13
N TRP B 75 -6.01 13.01 30.88
CA TRP B 75 -6.24 11.74 30.16
C TRP B 75 -4.94 11.07 29.70
N MET B 76 -5.02 9.74 29.55
CA MET B 76 -3.88 8.84 29.48
C MET B 76 -4.16 7.75 28.45
N THR B 77 -3.31 7.60 27.44
CA THR B 77 -3.51 6.52 26.48
C THR B 77 -3.13 5.20 27.11
N HIS B 78 -3.78 4.12 26.69
CA HIS B 78 -3.38 2.80 27.12
C HIS B 78 -1.92 2.56 26.71
N GLN B 79 -1.21 1.75 27.49
CA GLN B 79 0.22 1.48 27.27
C GLN B 79 0.44 -0.03 27.09
N PRO B 80 1.43 -0.46 26.28
CA PRO B 80 2.21 0.41 25.38
C PRO B 80 1.34 0.90 24.22
N ARG B 81 1.68 2.09 23.72
CA ARG B 81 0.85 2.82 22.75
C ARG B 81 0.60 2.02 21.45
N VAL B 82 -0.67 1.74 21.18
CA VAL B 82 -1.11 1.15 19.92
C VAL B 82 -1.84 2.28 19.17
N GLY B 83 -1.78 2.19 17.85
CA GLY B 83 -2.36 3.20 16.98
C GLY B 83 -3.18 2.51 15.92
N ARG B 84 -4.48 2.75 15.97
CA ARG B 84 -5.37 2.39 14.88
C ARG B 84 -5.65 3.60 14.01
N GLY B 85 -6.27 3.33 12.87
CA GLY B 85 -6.62 4.36 11.88
C GLY B 85 -5.56 4.37 10.82
N SER B 86 -5.87 4.93 9.66
CA SER B 86 -4.88 5.13 8.60
C SER B 86 -3.55 5.70 9.00
N PHE B 87 -3.57 6.62 9.94
CA PHE B 87 -2.38 7.35 10.32
C PHE B 87 -1.89 6.87 11.68
N GLY B 88 -2.47 5.78 12.17
CA GLY B 88 -2.25 5.33 13.54
C GLY B 88 -2.54 6.43 14.50
N GLU B 89 -3.61 7.19 14.24
CA GLU B 89 -3.99 8.38 15.01
C GLU B 89 -5.10 8.10 16.03
N VAL B 90 -5.71 6.92 15.98
CA VAL B 90 -6.70 6.54 17.00
C VAL B 90 -6.10 5.66 18.13
N HIS B 91 -6.35 6.03 19.38
CA HIS B 91 -5.90 5.28 20.55
C HIS B 91 -7.03 5.08 21.57
N ARG B 92 -6.93 3.99 22.33
CA ARG B 92 -7.74 3.76 23.52
C ARG B 92 -7.12 4.67 24.53
N MET B 93 -7.96 5.18 25.45
CA MET B 93 -7.56 6.16 26.47
C MET B 93 -8.47 6.12 27.70
N LYS B 94 -8.01 6.70 28.80
CA LYS B 94 -8.70 6.63 30.09
C LYS B 94 -8.71 8.04 30.69
N ASP B 95 -9.84 8.44 31.24
CA ASP B 95 -9.89 9.67 32.00
C ASP B 95 -9.26 9.30 33.32
N LYS B 96 -8.18 9.94 33.71
CA LYS B 96 -7.51 9.62 34.97
C LYS B 96 -8.41 9.74 36.20
N GLN B 97 -9.33 10.70 36.26
CA GLN B 97 -10.16 10.93 37.48
C GLN B 97 -11.30 9.92 37.57
N THR B 98 -11.99 9.68 36.44
CA THR B 98 -13.22 8.89 36.44
C THR B 98 -13.02 7.44 36.04
N GLY B 99 -11.87 7.16 35.41
CA GLY B 99 -11.53 5.82 34.93
C GLY B 99 -12.23 5.41 33.65
N PHE B 100 -13.00 6.32 33.04
CA PHE B 100 -13.80 5.98 31.88
C PHE B 100 -12.91 5.89 30.66
N GLN B 101 -13.04 4.78 29.92
CA GLN B 101 -12.32 4.54 28.67
C GLN B 101 -13.10 5.00 27.48
N CYS B 102 -12.41 5.54 26.50
CA CYS B 102 -13.02 5.73 25.20
C CYS B 102 -11.94 5.81 24.10
N ALA B 103 -12.27 6.35 22.94
CA ALA B 103 -11.31 6.44 21.86
C ALA B 103 -11.01 7.90 21.62
N VAL B 104 -9.75 8.19 21.31
CA VAL B 104 -9.37 9.53 20.97
C VAL B 104 -8.78 9.54 19.58
N LYS B 105 -9.17 10.51 18.77
CA LYS B 105 -8.62 10.61 17.43
C LYS B 105 -7.84 11.88 17.41
N LYS B 106 -6.53 11.77 17.23
CA LYS B 106 -5.71 12.94 17.05
C LYS B 106 -5.74 13.46 15.60
N VAL B 107 -6.02 14.76 15.48
CA VAL B 107 -6.05 15.45 14.20
C VAL B 107 -5.13 16.64 14.29
N ARG B 108 -4.42 16.93 13.22
CA ARG B 108 -3.43 17.99 13.23
C ARG B 108 -4.21 19.23 13.00
N LEU B 109 -4.02 20.22 13.87
CA LEU B 109 -4.72 21.47 13.74
C LEU B 109 -4.58 22.14 12.36
N GLU B 110 -3.40 22.17 11.76
CA GLU B 110 -3.25 22.89 10.48
C GLU B 110 -4.14 22.33 9.33
N VAL B 111 -4.53 21.06 9.41
CA VAL B 111 -5.36 20.40 8.38
C VAL B 111 -6.77 20.03 8.89
N PHE B 112 -7.21 20.69 9.97
CA PHE B 112 -8.49 20.39 10.60
C PHE B 112 -9.62 21.05 9.82
N ARG B 113 -10.66 20.27 9.58
CA ARG B 113 -11.81 20.70 8.79
C ARG B 113 -12.98 20.81 9.75
N VAL B 114 -13.38 22.05 10.00
CA VAL B 114 -14.54 22.41 10.82
C VAL B 114 -15.72 21.44 10.75
N GLU B 115 -16.01 20.92 9.55
CA GLU B 115 -17.17 20.08 9.34
C GLU B 115 -17.06 18.81 10.12
N GLU B 116 -15.85 18.39 10.46
CA GLU B 116 -15.70 17.20 11.31
C GLU B 116 -16.42 17.31 12.65
N LEU B 117 -16.53 18.53 13.18
CA LEU B 117 -17.25 18.70 14.44
C LEU B 117 -18.63 19.29 14.25
N VAL B 118 -18.80 20.18 13.28
CA VAL B 118 -20.11 20.79 13.04
C VAL B 118 -21.10 19.83 12.34
N ALA B 119 -20.61 18.86 11.54
CA ALA B 119 -21.45 17.75 11.06
C ALA B 119 -21.93 16.92 12.24
N CYS B 120 -21.00 16.19 12.86
CA CYS B 120 -21.37 15.17 13.82
C CYS B 120 -21.75 15.67 15.21
N ALA B 121 -21.67 16.98 15.47
CA ALA B 121 -22.10 17.47 16.79
C ALA B 121 -23.62 17.56 16.78
N GLY B 122 -24.24 17.14 17.87
CA GLY B 122 -25.70 17.13 18.00
C GLY B 122 -26.44 16.04 17.24
N LEU B 123 -25.71 15.03 16.74
CA LEU B 123 -26.26 13.88 16.02
C LEU B 123 -26.36 12.68 16.95
N SER B 124 -27.54 12.06 17.04
CA SER B 124 -27.65 10.74 17.67
C SER B 124 -28.47 9.76 16.84
N SER B 125 -27.75 8.82 16.25
CA SER B 125 -28.28 7.63 15.59
C SER B 125 -27.48 6.44 16.13
N PRO B 126 -28.12 5.26 16.30
CA PRO B 126 -27.33 4.05 16.61
C PRO B 126 -26.37 3.62 15.47
N ARG B 127 -26.59 4.12 14.25
CA ARG B 127 -25.68 3.84 13.11
C ARG B 127 -24.54 4.87 12.96
N ILE B 128 -24.43 5.80 13.90
CA ILE B 128 -23.29 6.71 13.89
C ILE B 128 -22.63 6.66 15.25
N VAL B 129 -21.29 6.54 15.23
CA VAL B 129 -20.51 6.45 16.47
C VAL B 129 -20.71 7.79 17.16
N PRO B 130 -21.09 7.79 18.47
CA PRO B 130 -21.31 9.01 19.23
C PRO B 130 -20.03 9.82 19.47
N LEU B 131 -20.12 11.13 19.31
CA LEU B 131 -19.05 12.05 19.67
C LEU B 131 -19.11 12.35 21.17
N TYR B 132 -17.98 12.27 21.85
CA TYR B 132 -17.89 12.55 23.27
C TYR B 132 -17.22 13.87 23.63
N GLY B 133 -16.56 14.49 22.69
CA GLY B 133 -16.04 15.83 22.90
C GLY B 133 -14.90 16.08 21.97
N ALA B 134 -14.27 17.22 22.16
CA ALA B 134 -13.10 17.59 21.40
C ALA B 134 -12.29 18.67 22.18
N VAL B 135 -10.97 18.50 22.21
CA VAL B 135 -10.11 19.41 22.91
C VAL B 135 -8.89 19.73 22.07
N ARG B 136 -8.63 21.00 21.87
CA ARG B 136 -7.45 21.44 21.17
C ARG B 136 -6.37 21.56 22.23
N GLU B 137 -5.15 21.19 21.86
CA GLU B 137 -3.99 21.29 22.75
C GLU B 137 -2.77 21.51 21.89
N GLY B 138 -2.26 22.73 21.91
CA GLY B 138 -1.21 23.10 20.99
C GLY B 138 -1.64 22.75 19.57
N PRO B 139 -0.79 22.01 18.84
CA PRO B 139 -1.04 21.72 17.44
C PRO B 139 -1.93 20.50 17.19
N TRP B 140 -2.52 19.94 18.23
CA TRP B 140 -3.45 18.82 18.08
C TRP B 140 -4.88 19.24 18.34
N VAL B 141 -5.82 18.59 17.65
CA VAL B 141 -7.25 18.59 18.00
C VAL B 141 -7.56 17.13 18.38
N ASN B 142 -7.99 16.91 19.62
CA ASN B 142 -8.19 15.56 20.16
C ASN B 142 -9.68 15.29 20.22
N ILE B 143 -10.16 14.52 19.24
CA ILE B 143 -11.56 14.19 19.13
C ILE B 143 -11.84 12.87 19.86
N PHE B 144 -12.73 12.92 20.84
CA PHE B 144 -13.12 11.80 21.66
C PHE B 144 -14.48 11.20 21.20
N MET B 145 -14.55 9.88 21.15
CA MET B 145 -15.71 9.14 20.70
C MET B 145 -15.79 7.81 21.43
N GLU B 146 -16.97 7.20 21.37
CA GLU B 146 -17.16 5.87 21.91
C GLU B 146 -16.07 4.93 21.37
N LEU B 147 -15.57 4.08 22.24
CA LEU B 147 -14.73 2.98 21.84
C LEU B 147 -15.60 1.73 21.51
N LEU B 148 -15.54 1.29 20.25
CA LEU B 148 -16.23 0.09 19.77
C LEU B 148 -15.24 -1.07 19.61
N GLU B 149 -15.37 -2.07 20.48
CA GLU B 149 -14.34 -3.12 20.65
C GLU B 149 -14.11 -4.06 19.45
N GLY B 150 -15.17 -4.41 18.74
CA GLY B 150 -15.06 -5.20 17.51
C GLY B 150 -14.20 -4.62 16.39
N GLY B 151 -13.93 -3.29 16.44
CA GLY B 151 -12.94 -2.65 15.55
C GLY B 151 -13.50 -2.35 14.17
N SER B 152 -12.66 -1.89 13.27
CA SER B 152 -13.17 -1.55 11.96
C SER B 152 -13.52 -2.84 11.17
N LEU B 153 -14.51 -2.69 10.31
CA LEU B 153 -14.84 -3.64 9.26
C LEU B 153 -13.66 -3.91 8.33
N GLY B 154 -12.83 -2.87 8.16
CA GLY B 154 -11.64 -2.94 7.31
C GLY B 154 -10.62 -3.95 7.78
N GLN B 155 -10.48 -3.97 9.11
CA GLN B 155 -9.68 -4.95 9.83
C GLN B 155 -10.32 -6.32 9.79
N LEU B 156 -11.64 -6.41 9.94
CA LEU B 156 -12.35 -7.70 9.79
C LEU B 156 -12.10 -8.36 8.41
N ILE B 157 -12.07 -7.56 7.34
CA ILE B 157 -11.74 -8.07 6.00
C ILE B 157 -10.30 -8.60 5.96
N LYS B 158 -9.37 -7.94 6.64
CA LYS B 158 -7.98 -8.41 6.70
C LYS B 158 -7.89 -9.72 7.48
N GLN B 159 -8.57 -9.74 8.61
CA GLN B 159 -8.60 -10.89 9.49
C GLN B 159 -9.26 -12.07 8.79
N MET B 160 -10.43 -11.86 8.21
CA MET B 160 -11.22 -12.92 7.60
C MET B 160 -10.94 -13.20 6.13
N GLY B 161 -10.11 -12.38 5.49
CA GLY B 161 -9.79 -12.54 4.05
C GLY B 161 -10.81 -11.79 3.20
N CYS B 162 -12.04 -12.26 3.24
CA CYS B 162 -13.21 -11.55 2.74
C CYS B 162 -14.42 -12.09 3.50
N LEU B 163 -15.63 -11.57 3.22
CA LEU B 163 -16.84 -11.97 3.95
C LEU B 163 -17.90 -12.69 3.10
N PRO B 164 -18.76 -13.49 3.75
CA PRO B 164 -19.87 -14.09 3.01
C PRO B 164 -20.95 -13.06 2.68
N GLU B 165 -21.72 -13.34 1.63
CA GLU B 165 -22.86 -12.53 1.16
C GLU B 165 -23.73 -12.04 2.29
N ASP B 166 -24.33 -12.98 3.03
CA ASP B 166 -25.32 -12.59 4.01
C ASP B 166 -24.81 -11.47 4.94
N ARG B 167 -23.57 -11.59 5.36
CA ARG B 167 -22.96 -10.62 6.23
C ARG B 167 -22.58 -9.33 5.49
N ALA B 168 -21.93 -9.45 4.34
CA ALA B 168 -21.58 -8.26 3.54
C ALA B 168 -22.83 -7.40 3.24
N LEU B 169 -23.96 -8.06 2.94
CA LEU B 169 -25.25 -7.38 2.78
C LEU B 169 -25.68 -6.71 4.08
N TYR B 170 -25.55 -7.44 5.18
CA TYR B 170 -26.08 -7.04 6.47
C TYR B 170 -25.42 -5.77 6.96
N TYR B 171 -24.11 -5.69 6.74
CA TYR B 171 -23.35 -4.49 7.07
C TYR B 171 -23.60 -3.32 6.14
N LEU B 172 -23.69 -3.58 4.84
CA LEU B 172 -23.97 -2.53 3.86
C LEU B 172 -25.29 -1.92 4.18
N GLY B 173 -26.24 -2.77 4.57
CA GLY B 173 -27.55 -2.37 5.03
C GLY B 173 -27.48 -1.42 6.18
N GLN B 174 -26.59 -1.70 7.13
CA GLN B 174 -26.45 -0.86 8.31
C GLN B 174 -25.73 0.45 7.99
N ALA B 175 -24.65 0.38 7.21
CA ALA B 175 -23.99 1.59 6.68
C ALA B 175 -25.02 2.54 5.98
N LEU B 176 -25.84 1.96 5.09
CA LEU B 176 -26.89 2.72 4.39
C LEU B 176 -27.98 3.30 5.31
N GLU B 177 -28.28 2.62 6.41
CA GLU B 177 -29.20 3.17 7.40
C GLU B 177 -28.64 4.43 8.06
N GLY B 178 -27.32 4.52 8.23
CA GLY B 178 -26.65 5.71 8.73
C GLY B 178 -26.48 6.81 7.68
N LEU B 179 -26.33 6.42 6.40
CA LEU B 179 -26.27 7.40 5.31
C LEU B 179 -27.63 8.05 5.02
N GLU B 180 -28.72 7.32 5.26
CA GLU B 180 -30.08 7.89 5.24
C GLU B 180 -30.14 9.06 6.20
N TYR B 181 -29.78 8.72 7.45
CA TYR B 181 -29.82 9.62 8.57
C TYR B 181 -28.98 10.88 8.28
N LEU B 182 -27.79 10.71 7.75
CA LEU B 182 -26.97 11.84 7.31
C LEU B 182 -27.54 12.59 6.09
N HIS B 183 -28.02 11.86 5.09
CA HIS B 183 -28.44 12.50 3.86
C HIS B 183 -29.70 13.30 4.01
N THR B 184 -30.63 12.89 4.86
CA THR B 184 -31.86 13.70 5.00
C THR B 184 -31.55 15.00 5.75
N ARG B 185 -30.47 15.03 6.53
CA ARG B 185 -29.98 16.24 7.18
C ARG B 185 -28.98 17.01 6.34
N ARG B 186 -28.85 16.67 5.07
CA ARG B 186 -27.93 17.34 4.16
C ARG B 186 -26.46 17.18 4.54
N ILE B 187 -26.12 16.09 5.24
CA ILE B 187 -24.71 15.80 5.55
C ILE B 187 -24.18 14.69 4.65
N LEU B 188 -23.14 15.00 3.91
CA LEU B 188 -22.40 14.01 3.14
C LEU B 188 -21.20 13.54 3.96
N HIS B 189 -21.03 12.22 4.11
CA HIS B 189 -19.88 11.62 4.82
C HIS B 189 -18.53 11.85 4.09
N GLY B 190 -18.43 11.50 2.81
CA GLY B 190 -17.28 11.86 1.99
C GLY B 190 -16.14 10.85 1.87
N ASP B 191 -16.15 9.85 2.72
CA ASP B 191 -15.13 8.81 2.71
C ASP B 191 -15.65 7.55 3.37
N VAL B 192 -16.70 7.01 2.76
CA VAL B 192 -17.36 5.82 3.26
C VAL B 192 -16.55 4.63 2.79
N LYS B 193 -16.10 3.84 3.75
CA LYS B 193 -15.32 2.65 3.47
C LYS B 193 -15.21 1.81 4.73
N ALA B 194 -14.78 0.54 4.61
CA ALA B 194 -14.77 -0.40 5.75
C ALA B 194 -13.99 0.13 6.95
N ASP B 195 -12.84 0.76 6.72
CA ASP B 195 -12.10 1.39 7.83
C ASP B 195 -12.96 2.36 8.66
N ASN B 196 -13.95 3.02 8.04
CA ASN B 196 -14.86 3.96 8.73
C ASN B 196 -16.21 3.39 9.17
N VAL B 197 -16.34 2.08 9.18
CA VAL B 197 -17.52 1.44 9.77
C VAL B 197 -16.98 0.66 10.98
N LEU B 198 -17.53 0.87 12.15
CA LEU B 198 -17.08 0.21 13.37
C LEU B 198 -18.14 -0.64 13.98
N LEU B 199 -17.71 -1.77 14.54
CA LEU B 199 -18.59 -2.86 14.93
C LEU B 199 -18.65 -2.96 16.43
N SER B 200 -19.78 -3.41 16.97
CA SER B 200 -19.89 -3.65 18.41
C SER B 200 -19.05 -4.88 18.80
N SER B 201 -18.93 -5.13 20.10
CA SER B 201 -17.97 -6.17 20.57
C SER B 201 -18.35 -7.59 20.16
N ASP B 202 -19.58 -7.81 19.66
CA ASP B 202 -20.03 -9.12 19.14
C ASP B 202 -20.25 -9.21 17.63
N GLY B 203 -19.99 -8.11 16.90
CA GLY B 203 -20.16 -8.03 15.44
C GLY B 203 -21.56 -7.66 14.95
N SER B 204 -22.55 -7.61 15.83
CA SER B 204 -23.92 -7.47 15.36
C SER B 204 -24.35 -6.04 14.95
N ARG B 205 -23.61 -5.02 15.36
CA ARG B 205 -23.99 -3.63 15.08
C ARG B 205 -22.85 -2.93 14.40
N ALA B 206 -23.16 -2.15 13.36
CA ALA B 206 -22.18 -1.40 12.61
C ALA B 206 -22.55 0.08 12.66
N ALA B 207 -21.54 0.93 12.79
CA ALA B 207 -21.75 2.37 12.89
C ALA B 207 -20.74 3.15 12.08
N LEU B 208 -21.20 4.22 11.44
CA LEU B 208 -20.30 5.10 10.71
C LEU B 208 -19.43 5.91 11.64
N CYS B 209 -18.22 6.16 11.20
CA CYS B 209 -17.24 6.85 12.02
C CYS B 209 -16.37 7.74 11.13
N ASP B 210 -15.70 8.70 11.76
CA ASP B 210 -14.80 9.67 11.08
C ASP B 210 -15.51 10.62 10.12
N PHE B 211 -15.83 11.80 10.60
CA PHE B 211 -16.48 12.77 9.75
C PHE B 211 -15.48 13.77 9.25
N GLY B 212 -14.20 13.40 9.16
CA GLY B 212 -13.18 14.29 8.63
C GLY B 212 -13.33 14.72 7.17
N HIS B 213 -14.08 13.98 6.36
CA HIS B 213 -14.33 14.36 4.94
C HIS B 213 -15.74 14.92 4.74
N ALA B 214 -16.44 15.15 5.85
CA ALA B 214 -17.87 15.44 5.79
C ALA B 214 -18.09 16.82 5.23
N LEU B 215 -19.25 17.01 4.65
CA LEU B 215 -19.54 18.24 3.93
C LEU B 215 -21.03 18.49 4.04
N CYS B 216 -21.40 19.73 4.30
CA CYS B 216 -22.82 20.13 4.25
C CYS B 216 -23.22 20.42 2.85
N LEU B 217 -24.28 19.76 2.42
CA LEU B 217 -24.92 20.06 1.16
C LEU B 217 -25.89 21.20 1.39
N GLN B 218 -26.33 21.76 0.28
CA GLN B 218 -27.27 22.89 0.21
C GLN B 218 -28.51 22.81 1.15
N PRO B 219 -29.19 23.96 1.40
CA PRO B 219 -30.58 23.93 1.90
C PRO B 219 -31.50 22.88 1.22
N ASP B 220 -31.48 22.85 -0.11
CA ASP B 220 -32.29 21.92 -0.93
C ASP B 220 -31.65 20.53 -1.27
N GLY B 221 -30.42 20.29 -0.81
CA GLY B 221 -29.68 19.02 -1.07
C GLY B 221 -28.98 18.91 -2.42
N LEU B 222 -29.06 19.98 -3.23
CA LEU B 222 -28.57 20.02 -4.63
C LEU B 222 -27.03 19.91 -4.77
N GLY B 223 -26.56 19.69 -6.00
CA GLY B 223 -25.15 19.44 -6.31
C GLY B 223 -24.16 20.58 -6.06
N LYS B 224 -22.99 20.20 -5.53
CA LYS B 224 -21.85 21.11 -5.26
C LYS B 224 -20.59 20.60 -5.98
N SER B 225 -19.84 21.50 -6.63
CA SER B 225 -18.52 21.18 -7.18
C SER B 225 -17.62 20.92 -5.98
N LEU B 226 -17.09 19.70 -5.86
CA LEU B 226 -16.47 19.28 -4.59
C LEU B 226 -15.04 19.82 -4.40
N LEU B 227 -14.40 20.26 -5.49
CA LEU B 227 -12.97 20.56 -5.51
C LEU B 227 -12.64 22.05 -5.24
N THR B 228 -12.79 22.47 -3.97
CA THR B 228 -12.43 23.83 -3.54
C THR B 228 -12.17 23.94 -2.02
N GLY B 229 -11.53 25.03 -1.62
CA GLY B 229 -11.41 25.43 -0.21
C GLY B 229 -10.66 24.45 0.67
N ASP B 230 -11.30 24.00 1.74
CA ASP B 230 -10.66 23.14 2.75
C ASP B 230 -10.70 21.64 2.39
N TYR B 231 -11.31 21.30 1.26
CA TYR B 231 -11.57 19.91 0.84
C TYR B 231 -10.36 18.97 0.91
N ILE B 232 -10.51 17.92 1.71
CA ILE B 232 -9.61 16.78 1.77
C ILE B 232 -10.40 15.65 1.09
N PRO B 233 -9.81 14.99 0.05
CA PRO B 233 -10.48 13.91 -0.67
C PRO B 233 -10.51 12.55 0.02
N GLY B 234 -11.45 11.73 -0.43
CA GLY B 234 -11.75 10.44 0.16
C GLY B 234 -10.86 9.41 -0.47
N THR B 235 -11.03 8.17 -0.04
CA THR B 235 -10.23 7.07 -0.51
C THR B 235 -10.41 6.97 -2.01
N GLU B 236 -9.32 7.07 -2.77
CA GLU B 236 -9.34 7.05 -4.24
C GLU B 236 -10.07 5.86 -4.88
N THR B 237 -9.84 4.66 -4.38
CA THR B 237 -10.50 3.48 -4.91
C THR B 237 -12.00 3.58 -4.79
N HIS B 238 -12.48 4.35 -3.81
CA HIS B 238 -13.90 4.50 -3.57
C HIS B 238 -14.50 5.79 -4.15
N MET B 239 -13.74 6.61 -4.87
CA MET B 239 -14.31 7.82 -5.48
C MET B 239 -15.23 7.56 -6.67
N ALA B 240 -16.41 8.19 -6.65
CA ALA B 240 -17.36 8.17 -7.77
C ALA B 240 -16.84 9.03 -8.92
N PRO B 241 -17.34 8.78 -10.14
CA PRO B 241 -16.77 9.47 -11.30
C PRO B 241 -17.00 10.99 -11.33
N GLU B 242 -18.09 11.44 -10.73
CA GLU B 242 -18.37 12.89 -10.63
C GLU B 242 -17.32 13.57 -9.75
N VAL B 243 -16.86 12.86 -8.72
CA VAL B 243 -15.83 13.39 -7.82
C VAL B 243 -14.56 13.61 -8.62
N VAL B 244 -14.09 12.59 -9.36
CA VAL B 244 -12.79 12.71 -10.01
C VAL B 244 -12.82 13.73 -11.14
N MET B 245 -13.94 13.81 -11.87
CA MET B 245 -14.04 14.72 -13.03
C MET B 245 -14.37 16.17 -12.61
N GLY B 246 -14.59 16.39 -11.31
CA GLY B 246 -14.77 17.71 -10.73
C GLY B 246 -16.20 18.24 -10.81
N LYS B 247 -17.17 17.34 -11.01
CA LYS B 247 -18.55 17.70 -11.36
C LYS B 247 -19.35 18.04 -10.12
N PRO B 248 -20.64 18.41 -10.31
CA PRO B 248 -21.48 18.57 -9.11
C PRO B 248 -21.68 17.23 -8.37
N CYS B 249 -21.49 17.24 -7.05
CA CYS B 249 -21.57 16.05 -6.20
C CYS B 249 -22.62 16.21 -5.12
N ASP B 250 -23.44 15.18 -4.92
CA ASP B 250 -24.55 15.20 -3.95
C ASP B 250 -24.44 13.94 -3.05
N ALA B 251 -25.47 13.64 -2.25
CA ALA B 251 -25.48 12.42 -1.43
C ALA B 251 -25.17 11.16 -2.22
N LYS B 252 -25.37 11.18 -3.53
CA LYS B 252 -25.00 10.03 -4.35
C LYS B 252 -23.50 9.63 -4.34
N VAL B 253 -22.55 10.48 -3.96
CA VAL B 253 -21.15 10.01 -3.99
C VAL B 253 -20.91 9.01 -2.87
N ASP B 254 -21.52 9.22 -1.71
CA ASP B 254 -21.49 8.23 -0.61
C ASP B 254 -22.04 6.88 -1.06
N ILE B 255 -23.07 6.88 -1.90
CA ILE B 255 -23.68 5.60 -2.34
C ILE B 255 -22.71 4.78 -3.20
N TRP B 256 -22.13 5.39 -4.24
CA TRP B 256 -20.98 4.79 -4.92
C TRP B 256 -19.95 4.18 -3.97
N SER B 257 -19.53 4.94 -2.97
CA SER B 257 -18.50 4.47 -2.01
C SER B 257 -18.95 3.32 -1.14
N SER B 258 -20.19 3.33 -0.72
CA SER B 258 -20.74 2.21 0.03
C SER B 258 -20.75 0.94 -0.82
N CYS B 259 -20.84 1.07 -2.14
CA CYS B 259 -20.83 -0.11 -3.03
C CYS B 259 -19.42 -0.58 -3.40
N CYS B 260 -18.47 0.32 -3.54
CA CYS B 260 -17.04 -0.08 -3.54
C CYS B 260 -16.66 -0.83 -2.25
N MET B 261 -17.13 -0.33 -1.13
CA MET B 261 -16.93 -1.01 0.15
C MET B 261 -17.52 -2.41 0.13
N MET B 262 -18.72 -2.56 -0.43
CA MET B 262 -19.33 -3.90 -0.61
C MET B 262 -18.45 -4.86 -1.42
N LEU B 263 -17.95 -4.40 -2.57
CA LEU B 263 -16.97 -5.17 -3.38
C LEU B 263 -15.70 -5.56 -2.60
N HIS B 264 -15.27 -4.65 -1.72
CA HIS B 264 -14.16 -4.88 -0.83
C HIS B 264 -14.54 -5.99 0.14
N MET B 265 -15.73 -5.92 0.72
CA MET B 265 -16.16 -6.99 1.64
C MET B 265 -16.21 -8.36 0.96
N LEU B 266 -16.66 -8.36 -0.31
CA LEU B 266 -16.88 -9.61 -1.04
C LEU B 266 -15.59 -10.17 -1.59
N ASN B 267 -14.76 -9.32 -2.18
CA ASN B 267 -13.52 -9.75 -2.82
C ASN B 267 -12.27 -9.66 -1.94
N GLY B 268 -12.34 -8.87 -0.88
CA GLY B 268 -11.21 -8.67 0.03
C GLY B 268 -10.08 -7.79 -0.46
N CYS B 269 -10.29 -7.11 -1.57
CA CYS B 269 -9.37 -6.14 -2.14
C CYS B 269 -10.25 -5.03 -2.66
N HIS B 270 -9.73 -3.81 -2.78
CA HIS B 270 -10.54 -2.68 -3.21
C HIS B 270 -10.81 -2.88 -4.68
N PRO B 271 -11.87 -2.28 -5.21
CA PRO B 271 -12.00 -2.30 -6.67
C PRO B 271 -10.84 -1.60 -7.37
N TRP B 272 -10.75 -1.75 -8.69
CA TRP B 272 -9.69 -1.14 -9.51
C TRP B 272 -8.26 -1.57 -9.16
N THR B 273 -8.12 -2.55 -8.26
CA THR B 273 -6.84 -2.99 -7.68
C THR B 273 -6.55 -4.35 -8.32
N GLN B 274 -6.23 -4.27 -9.60
CA GLN B 274 -5.56 -5.33 -10.32
C GLN B 274 -4.16 -4.76 -10.32
N TYR B 275 -3.22 -5.30 -11.11
CA TYR B 275 -2.04 -4.51 -11.46
C TYR B 275 -2.49 -3.46 -12.48
N PHE B 276 -3.30 -2.51 -12.01
CA PHE B 276 -3.97 -1.50 -12.84
C PHE B 276 -3.29 -0.19 -12.45
N ARG B 277 -1.97 -0.16 -12.70
CA ARG B 277 -1.07 0.84 -12.15
C ARG B 277 -0.93 2.04 -13.08
N GLY B 278 -1.87 2.96 -12.94
CA GLY B 278 -1.71 4.34 -13.39
C GLY B 278 -2.34 5.14 -12.27
N PRO B 279 -2.38 6.47 -12.40
CA PRO B 279 -3.29 7.26 -11.56
C PRO B 279 -4.68 6.68 -11.70
N LEU B 280 -5.22 6.11 -10.62
CA LEU B 280 -6.48 5.32 -10.67
C LEU B 280 -7.72 6.14 -10.95
N CYS B 281 -7.68 7.43 -10.62
CA CYS B 281 -8.81 8.31 -10.82
C CYS B 281 -9.15 8.47 -12.30
N LEU B 282 -8.13 8.51 -13.16
CA LEU B 282 -8.35 8.62 -14.60
C LEU B 282 -9.11 7.42 -15.20
N LYS B 283 -8.83 6.22 -14.68
CA LYS B 283 -9.55 5.00 -15.09
C LYS B 283 -11.01 5.08 -14.63
N ILE B 284 -11.25 5.59 -13.43
CA ILE B 284 -12.60 5.62 -12.87
C ILE B 284 -13.51 6.51 -13.69
N ALA B 285 -12.97 7.67 -14.08
CA ALA B 285 -13.64 8.57 -15.03
C ALA B 285 -13.87 7.95 -16.41
N SER B 286 -12.84 7.32 -16.96
CA SER B 286 -12.89 6.84 -18.34
C SER B 286 -13.57 5.46 -18.53
N GLU B 287 -13.31 4.50 -17.64
CA GLU B 287 -13.76 3.11 -17.82
C GLU B 287 -15.17 2.90 -17.33
N PRO B 288 -15.82 1.80 -17.75
CA PRO B 288 -17.11 1.44 -17.18
C PRO B 288 -17.03 1.22 -15.67
N PRO B 289 -18.15 1.36 -14.96
CA PRO B 289 -18.13 1.08 -13.56
C PRO B 289 -17.76 -0.36 -13.27
N PRO B 290 -17.18 -0.62 -12.10
CA PRO B 290 -16.56 -1.91 -11.84
C PRO B 290 -17.57 -3.00 -11.43
N ILE B 291 -18.78 -2.94 -11.99
CA ILE B 291 -19.74 -4.05 -11.89
C ILE B 291 -19.09 -5.40 -12.18
N ARG B 292 -18.14 -5.43 -13.12
CA ARG B 292 -17.43 -6.67 -13.50
C ARG B 292 -16.72 -7.41 -12.35
N GLU B 293 -16.55 -6.75 -11.20
CA GLU B 293 -15.95 -7.35 -10.00
C GLU B 293 -16.97 -7.95 -9.05
N ILE B 294 -18.25 -7.85 -9.40
CA ILE B 294 -19.30 -8.49 -8.63
C ILE B 294 -19.12 -9.97 -8.86
N PRO B 295 -18.83 -10.76 -7.81
CA PRO B 295 -18.54 -12.17 -8.09
C PRO B 295 -19.71 -12.91 -8.79
N PRO B 296 -19.40 -13.88 -9.68
CA PRO B 296 -20.52 -14.60 -10.30
C PRO B 296 -21.30 -15.42 -9.28
N SER B 297 -20.58 -15.90 -8.26
CA SER B 297 -21.14 -16.57 -7.08
C SER B 297 -22.36 -15.88 -6.40
N CYS B 298 -22.47 -14.56 -6.51
CA CYS B 298 -23.53 -13.78 -5.83
C CYS B 298 -24.91 -13.95 -6.43
N ALA B 299 -25.94 -13.71 -5.62
CA ALA B 299 -27.34 -13.83 -6.06
C ALA B 299 -27.69 -12.74 -7.08
N PRO B 300 -28.81 -12.90 -7.81
CA PRO B 300 -29.22 -11.83 -8.75
C PRO B 300 -29.52 -10.49 -8.07
N LEU B 301 -30.29 -10.50 -6.98
CA LEU B 301 -30.64 -9.25 -6.27
C LEU B 301 -29.46 -8.53 -5.63
N THR B 302 -28.45 -9.30 -5.19
CA THR B 302 -27.20 -8.72 -4.69
C THR B 302 -26.37 -8.08 -5.80
N ALA B 303 -26.28 -8.73 -6.96
CA ALA B 303 -25.62 -8.14 -8.12
C ALA B 303 -26.32 -6.84 -8.54
N GLN B 304 -27.64 -6.89 -8.61
CA GLN B 304 -28.45 -5.78 -9.08
C GLN B 304 -28.40 -4.57 -8.14
N ALA B 305 -28.35 -4.82 -6.83
CA ALA B 305 -28.21 -3.74 -5.83
C ALA B 305 -26.89 -3.05 -6.01
N ILE B 306 -25.85 -3.83 -6.16
CA ILE B 306 -24.51 -3.27 -6.32
C ILE B 306 -24.41 -2.49 -7.63
N GLN B 307 -25.12 -2.93 -8.66
CA GLN B 307 -25.16 -2.21 -9.94
C GLN B 307 -25.87 -0.88 -9.84
N GLU B 308 -26.96 -0.84 -9.07
CA GLU B 308 -27.74 0.39 -8.94
C GLU B 308 -27.03 1.39 -8.05
N GLY B 309 -26.23 0.88 -7.10
CA GLY B 309 -25.29 1.71 -6.38
C GLY B 309 -24.11 2.20 -7.20
N LEU B 310 -23.77 1.52 -8.29
CA LEU B 310 -22.55 1.82 -9.06
C LEU B 310 -22.80 2.47 -10.40
N ARG B 311 -23.91 3.20 -10.54
CA ARG B 311 -24.27 3.85 -11.78
C ARG B 311 -23.40 5.11 -11.96
N LYS B 312 -22.89 5.32 -13.18
CA LYS B 312 -21.97 6.45 -13.43
C LYS B 312 -22.61 7.83 -13.28
N GLU B 313 -23.84 7.99 -13.74
CA GLU B 313 -24.56 9.26 -13.63
C GLU B 313 -25.31 9.31 -12.30
N PRO B 314 -25.06 10.37 -11.48
CA PRO B 314 -25.70 10.48 -10.15
C PRO B 314 -27.21 10.35 -10.21
N VAL B 315 -27.85 11.01 -11.18
CA VAL B 315 -29.30 10.90 -11.34
C VAL B 315 -29.84 9.46 -11.40
N HIS B 316 -29.15 8.51 -12.04
CA HIS B 316 -29.65 7.13 -12.15
C HIS B 316 -29.24 6.29 -10.94
N ARG B 317 -28.17 6.69 -10.26
CA ARG B 317 -27.73 5.99 -9.07
C ARG B 317 -28.77 6.07 -7.95
N ALA B 318 -28.92 4.94 -7.25
CA ALA B 318 -29.80 4.80 -6.10
C ALA B 318 -29.52 5.81 -4.98
N SER B 319 -30.59 6.26 -4.31
CA SER B 319 -30.42 6.97 -3.03
C SER B 319 -30.10 5.95 -1.97
N ALA B 320 -29.79 6.42 -0.76
CA ALA B 320 -29.58 5.51 0.35
C ALA B 320 -30.84 4.69 0.64
N MET B 321 -31.98 5.36 0.78
CA MET B 321 -33.23 4.68 1.15
C MET B 321 -33.59 3.59 0.15
N GLU B 322 -33.51 3.98 -1.11
CA GLU B 322 -33.74 3.12 -2.26
C GLU B 322 -32.81 1.89 -2.19
N LEU B 323 -31.53 2.09 -1.96
CA LEU B 323 -30.62 0.96 -1.91
C LEU B 323 -30.79 0.10 -0.64
N ARG B 324 -31.03 0.71 0.51
CA ARG B 324 -31.23 -0.04 1.75
C ARG B 324 -32.41 -1.03 1.65
N ARG B 325 -33.48 -0.64 0.94
CA ARG B 325 -34.60 -1.54 0.63
C ARG B 325 -34.18 -2.74 -0.22
N LYS B 326 -33.50 -2.46 -1.32
CA LYS B 326 -32.97 -3.52 -2.19
C LYS B 326 -32.02 -4.46 -1.42
N VAL B 327 -31.12 -3.89 -0.64
CA VAL B 327 -30.18 -4.66 0.16
C VAL B 327 -30.92 -5.48 1.23
N GLY B 328 -31.99 -4.95 1.79
CA GLY B 328 -32.79 -5.66 2.78
C GLY B 328 -33.44 -6.89 2.18
N LYS B 329 -33.95 -6.74 0.96
CA LYS B 329 -34.53 -7.84 0.19
C LYS B 329 -33.48 -8.84 -0.33
N ALA B 330 -32.33 -8.38 -0.82
CA ALA B 330 -31.28 -9.29 -1.30
C ALA B 330 -30.74 -10.18 -0.19
N LEU B 331 -30.71 -9.65 1.04
CA LEU B 331 -30.42 -10.40 2.25
C LEU B 331 -31.51 -11.43 2.60
N GLN B 332 -32.78 -11.08 2.34
CA GLN B 332 -33.90 -11.99 2.52
C GLN B 332 -33.78 -13.25 1.61
N GLU B 333 -33.52 -13.00 0.33
CA GLU B 333 -33.40 -14.03 -0.71
C GLU B 333 -32.29 -15.03 -0.42
N VAL B 334 -31.16 -14.54 0.08
CA VAL B 334 -30.01 -15.38 0.49
C VAL B 334 -30.15 -16.04 1.88
N GLY B 335 -31.29 -15.87 2.54
CA GLY B 335 -31.60 -16.57 3.78
C GLY B 335 -31.59 -15.71 5.03
N GLY B 336 -31.16 -14.45 4.89
CA GLY B 336 -30.89 -13.60 6.04
C GLY B 336 -29.59 -14.01 6.69
N LEU B 337 -29.19 -13.27 7.72
CA LEU B 337 -27.89 -13.48 8.38
C LEU B 337 -27.80 -14.79 9.19
N LYS B 338 -27.02 -15.72 8.66
CA LYS B 338 -26.72 -17.01 9.33
C LYS B 338 -25.24 -17.13 9.74
N SER B 339 -24.34 -16.77 8.83
CA SER B 339 -22.88 -16.85 9.04
C SER B 339 -22.44 -16.38 10.44
N PRO B 340 -21.52 -17.14 11.09
CA PRO B 340 -20.98 -16.68 12.38
C PRO B 340 -20.07 -15.48 12.17
N TRP B 341 -19.99 -14.62 13.18
CA TRP B 341 -19.26 -13.33 13.14
C TRP B 341 -17.84 -13.49 12.56
N LYS B 342 -17.10 -14.48 13.08
CA LYS B 342 -15.81 -14.88 12.52
C LYS B 342 -15.73 -16.41 12.43
N GLY B 343 -15.98 -16.92 11.22
CA GLY B 343 -16.23 -18.34 11.01
C GLY B 343 -15.03 -19.15 10.58
N GLU B 344 -14.44 -18.69 9.49
CA GLU B 344 -13.14 -19.14 9.04
C GLU B 344 -12.71 -18.29 7.85
N TYR B 345 -11.40 -18.24 7.66
CA TYR B 345 -10.76 -17.49 6.60
C TYR B 345 -11.33 -17.89 5.21
N LYS B 346 -11.55 -16.89 4.34
CA LYS B 346 -12.02 -17.11 2.96
C LYS B 346 -11.04 -16.43 2.01
N GLU B 347 -10.56 -17.17 1.02
CA GLU B 347 -9.50 -16.68 0.14
C GLU B 347 -9.98 -15.53 -0.74
N PRO B 348 -9.24 -14.41 -0.76
CA PRO B 348 -9.59 -13.27 -1.63
C PRO B 348 -9.46 -13.51 -3.13
N ARG B 349 -9.60 -12.44 -3.91
CA ARG B 349 -9.59 -12.49 -5.37
C ARG B 349 -8.21 -12.09 -5.90
S SO4 C . 25.85 -12.21 -32.85
O1 SO4 C . 24.43 -11.85 -32.53
O2 SO4 C . 26.49 -11.02 -33.45
O3 SO4 C . 26.64 -12.64 -31.65
O4 SO4 C . 25.85 -13.33 -33.82
S SO4 D . 21.50 -9.93 10.70
O1 SO4 D . 20.40 -9.28 9.95
O2 SO4 D . 22.69 -10.00 9.85
O3 SO4 D . 21.72 -9.13 11.92
O4 SO4 D . 21.14 -11.33 11.06
S SO4 E . 12.03 -4.87 -3.99
O1 SO4 E . 11.92 -3.55 -4.66
O2 SO4 E . 11.79 -5.94 -4.97
O3 SO4 E . 11.01 -4.99 -2.93
O4 SO4 E . 13.40 -4.95 -3.43
S SO4 F . -1.79 -6.84 6.09
O1 SO4 F . -0.50 -7.41 5.61
O2 SO4 F . -1.91 -5.43 5.64
O3 SO4 F . -1.89 -6.89 7.56
O4 SO4 F . -2.90 -7.63 5.49
S SO4 G . 5.05 -22.06 -21.13
O1 SO4 G . 4.95 -21.19 -22.32
O2 SO4 G . 4.77 -21.23 -19.93
O3 SO4 G . 6.43 -22.60 -21.04
O4 SO4 G . 4.06 -23.15 -21.18
C1 76Y H . 16.26 -9.03 1.75
C2 76Y H . 17.61 -8.63 1.24
C3 76Y H . 17.86 -7.67 0.27
C4 76Y H . 19.22 -7.60 0.10
C5 76Y H . 19.77 -8.51 0.98
C6 76Y H . 19.02 -10.15 2.67
C11 76Y H . 19.37 -9.89 6.52
C12 76Y H . 19.30 -10.43 5.24
CL 76Y H . 19.50 -12.18 5.00
C10 76Y H . 19.22 -8.52 6.70
C9 76Y H . 19.02 -7.69 5.60
C8 76Y H . 18.94 -8.18 4.30
C7 76Y H . 19.07 -9.55 4.06
N2 76Y H . 18.79 -9.12 1.65
O 76Y H . 16.19 -9.69 2.78
N1 76Y H . 15.16 -8.66 1.11
S SO4 I . -25.10 4.85 -16.29
O1 SO4 I . -25.86 3.79 -16.98
O2 SO4 I . -24.90 6.03 -17.18
O3 SO4 I . -25.83 5.33 -15.10
O4 SO4 I . -23.77 4.29 -15.93
S SO4 J . -17.20 10.29 15.26
O1 SO4 J . -17.50 11.45 16.15
O2 SO4 J . -16.07 10.64 14.36
O3 SO4 J . -18.41 9.92 14.50
O4 SO4 J . -16.82 9.16 16.13
S SO4 K . -24.31 23.83 29.48
O1 SO4 K . -25.20 24.15 28.34
O2 SO4 K . -23.06 24.65 29.33
O3 SO4 K . -24.96 24.16 30.77
O4 SO4 K . -23.99 22.38 29.46
S SO4 L . -6.50 3.07 1.46
O1 SO4 L . -7.00 2.67 0.11
O2 SO4 L . -5.26 3.86 1.26
O3 SO4 L . -7.49 3.90 2.18
O4 SO4 L . -6.23 1.83 2.24
S SO4 M . -5.81 -1.93 22.58
O1 SO4 M . -5.22 -2.53 21.37
O2 SO4 M . -5.27 -0.56 22.79
O3 SO4 M . -5.46 -2.77 23.75
O4 SO4 M . -7.29 -1.91 22.44
S SO4 N . -23.21 12.21 31.06
O1 SO4 N . -23.57 13.18 29.99
O2 SO4 N . -21.76 11.94 31.05
O3 SO4 N . -23.57 12.80 32.37
O4 SO4 N . -23.92 10.94 30.81
C1 76Y O . -13.43 3.47 17.74
C2 76Y O . -12.45 3.37 16.61
C3 76Y O . -12.21 4.35 15.65
C4 76Y O . -11.25 3.88 14.79
C5 76Y O . -10.91 2.63 15.23
C6 76Y O . -11.53 1.08 17.04
C11 76Y O . -9.30 0.09 20.04
C12 76Y O . -10.24 0.00 19.01
CL 76Y O . -11.12 -1.52 18.69
C10 76Y O . -8.61 1.27 20.27
C9 76Y O . -8.86 2.39 19.47
C8 76Y O . -9.79 2.35 18.43
C7 76Y O . -10.51 1.18 18.16
N2 76Y O . -11.65 2.34 16.31
O 76Y O . -13.43 2.63 18.63
N1 76Y O . -14.31 4.47 17.79
#